data_9KHA
#
_entry.id   9KHA
#
_cell.length_a   118.189
_cell.length_b   118.189
_cell.length_c   353.944
_cell.angle_alpha   90.000
_cell.angle_beta   90.000
_cell.angle_gamma   120.000
#
_symmetry.space_group_name_H-M   'H 3 2'
#
loop_
_entity.id
_entity.type
_entity.pdbx_description
1 polymer 'Extracellular solute-binding protein'
2 water water
#
_entity_poly.entity_id   1
_entity_poly.type   'polypeptide(L)'
_entity_poly.pdbx_seq_one_letter_code
;GSKDKKEAGADSKTIKLWVPTGSKKSYADTIAKFEKDSGYTVKVVESEDPKAQEKIKKDASTAADVFSLPHDQLGQLVES
GTIQEVPEKYNKEIAATSTDQALIGAQYKGKTYAFPFGIESQVLFYNKSKLAAEDVTSYDTITTKATFGGTFKQANSYAT
GPLFMSVGNTLFGENGEDVKGTNWGNEKGAAVLKWIADQASNKGFVSLDANNVISKFGDGSVASFESGPWDYEAAQKAIG
KENLGVAIYPKVTIGGETVQQKAFLGVKLYAVNQAPAKGDTKRIAASYKLASYLTNAESQENQFKTRNIVPANKEVQSSE
AVQSNELAKTVITMGSSSDYTVVMPKLSQMGTFWTESAAILSDAFNGKIKESDYLTKLQQFDKDIAATK
;
_entity_poly.pdbx_strand_id   A,B
#
# COMPACT_ATOMS: atom_id res chain seq x y z
N LYS A 13 -53.21 14.39 28.01
CA LYS A 13 -53.01 14.15 26.56
C LYS A 13 -51.56 14.45 26.18
N THR A 14 -50.63 13.77 26.87
CA THR A 14 -49.20 13.88 26.59
C THR A 14 -48.68 12.47 26.28
N ILE A 15 -47.81 12.36 25.27
CA ILE A 15 -47.15 11.09 25.01
C ILE A 15 -45.65 11.33 25.12
N LYS A 16 -44.93 10.27 25.50
CA LYS A 16 -43.48 10.36 25.64
C LYS A 16 -42.80 9.69 24.45
N LEU A 17 -41.82 10.41 23.89
CA LEU A 17 -41.03 9.97 22.75
C LEU A 17 -39.56 9.88 23.14
N TRP A 18 -38.93 8.75 22.82
CA TRP A 18 -37.47 8.63 22.86
C TRP A 18 -36.90 8.75 21.44
N VAL A 19 -35.99 9.72 21.26
CA VAL A 19 -35.33 9.94 19.99
C VAL A 19 -33.86 9.64 20.17
N PRO A 20 -33.10 9.29 19.10
CA PRO A 20 -31.66 9.09 19.20
C PRO A 20 -30.92 10.30 19.75
N THR A 21 -29.74 10.02 20.33
CA THR A 21 -28.93 11.05 20.94
C THR A 21 -28.59 12.09 19.87
N GLY A 22 -28.59 13.37 20.24
CA GLY A 22 -28.23 14.45 19.35
C GLY A 22 -29.39 14.94 18.48
N SER A 23 -30.51 14.20 18.44
CA SER A 23 -31.46 14.35 17.36
C SER A 23 -32.60 15.32 17.70
N LYS A 24 -32.76 15.64 18.99
CA LYS A 24 -33.97 16.32 19.44
C LYS A 24 -34.26 17.56 18.60
N LYS A 25 -33.26 18.43 18.40
CA LYS A 25 -33.49 19.65 17.64
C LYS A 25 -33.88 19.32 16.20
N SER A 26 -33.27 18.26 15.64
CA SER A 26 -33.54 17.86 14.26
C SER A 26 -35.03 17.59 14.07
N TYR A 27 -35.70 17.05 15.12
CA TYR A 27 -37.07 16.60 15.02
C TYR A 27 -38.09 17.67 15.44
N ALA A 28 -37.61 18.84 15.90
CA ALA A 28 -38.50 19.82 16.52
C ALA A 28 -39.67 20.16 15.60
N ASP A 29 -39.37 20.47 14.33
CA ASP A 29 -40.40 20.90 13.40
C ASP A 29 -41.40 19.78 13.14
N THR A 30 -40.89 18.53 12.99
CA THR A 30 -41.75 17.38 12.76
C THR A 30 -42.74 17.23 13.93
N ILE A 31 -42.20 17.33 15.15
CA ILE A 31 -42.98 17.17 16.36
C ILE A 31 -44.06 18.26 16.47
N ALA A 32 -43.68 19.53 16.21
CA ALA A 32 -44.61 20.64 16.25
C ALA A 32 -45.75 20.39 15.27
N LYS A 33 -45.45 19.84 14.08
CA LYS A 33 -46.46 19.55 13.09
CA LYS A 33 -46.47 19.56 13.09
C LYS A 33 -47.42 18.49 13.63
N PHE A 34 -46.87 17.43 14.26
CA PHE A 34 -47.70 16.40 14.86
C PHE A 34 -48.57 16.97 15.99
N GLU A 35 -47.97 17.82 16.84
CA GLU A 35 -48.66 18.42 17.97
C GLU A 35 -49.84 19.27 17.50
N LYS A 36 -49.62 20.08 16.45
CA LYS A 36 -50.66 20.95 15.91
C LYS A 36 -51.77 20.13 15.26
N ASP A 37 -51.46 18.96 14.71
CA ASP A 37 -52.44 18.18 13.96
CA ASP A 37 -52.43 18.18 13.96
C ASP A 37 -53.23 17.29 14.91
N SER A 38 -52.59 16.78 15.97
CA SER A 38 -53.25 15.81 16.84
C SER A 38 -53.85 16.45 18.08
N GLY A 39 -53.32 17.60 18.52
CA GLY A 39 -53.75 18.16 19.79
C GLY A 39 -53.13 17.46 21.00
N TYR A 40 -52.26 16.46 20.78
CA TYR A 40 -51.46 15.91 21.87
C TYR A 40 -50.19 16.75 22.04
N THR A 41 -49.63 16.73 23.25
CA THR A 41 -48.31 17.27 23.52
C THR A 41 -47.32 16.10 23.56
N VAL A 42 -46.10 16.34 23.08
CA VAL A 42 -45.07 15.31 23.05
C VAL A 42 -43.93 15.70 23.99
N LYS A 43 -43.58 14.81 24.92
CA LYS A 43 -42.40 14.97 25.75
C LYS A 43 -41.25 14.23 25.08
N VAL A 44 -40.25 14.98 24.63
CA VAL A 44 -39.18 14.46 23.79
C VAL A 44 -37.95 14.28 24.67
N VAL A 45 -37.40 13.06 24.68
CA VAL A 45 -36.24 12.73 25.47
C VAL A 45 -35.24 11.97 24.60
N GLU A 46 -33.97 12.39 24.62
CA GLU A 46 -32.90 11.68 23.95
C GLU A 46 -32.54 10.43 24.76
N SER A 47 -32.19 9.33 24.07
CA SER A 47 -32.03 8.03 24.68
C SER A 47 -31.38 7.09 23.67
N GLU A 48 -30.35 6.36 24.09
CA GLU A 48 -29.58 5.54 23.17
C GLU A 48 -30.45 4.38 22.67
N ASP A 49 -30.59 4.29 21.34
CA ASP A 49 -31.41 3.30 20.67
C ASP A 49 -31.10 1.89 21.15
N PRO A 50 -29.80 1.45 21.18
CA PRO A 50 -29.46 0.10 21.62
C PRO A 50 -29.91 -0.31 23.03
N LYS A 51 -30.24 0.68 23.88
CA LYS A 51 -30.58 0.44 25.28
C LYS A 51 -32.09 0.44 25.53
N ALA A 52 -32.89 0.74 24.50
CA ALA A 52 -34.33 0.89 24.66
C ALA A 52 -34.97 -0.33 25.29
N GLN A 53 -34.50 -1.53 24.89
CA GLN A 53 -35.05 -2.79 25.37
C GLN A 53 -34.78 -2.95 26.87
N GLU A 54 -33.51 -2.79 27.27
CA GLU A 54 -33.13 -2.82 28.69
C GLU A 54 -33.95 -1.81 29.49
N LYS A 55 -34.03 -0.57 28.99
CA LYS A 55 -34.71 0.52 29.70
C LYS A 55 -36.18 0.18 29.95
N ILE A 56 -36.83 -0.42 28.94
CA ILE A 56 -38.23 -0.78 29.05
C ILE A 56 -38.41 -1.88 30.10
N LYS A 57 -37.57 -2.93 30.06
CA LYS A 57 -37.66 -4.02 31.03
C LYS A 57 -37.49 -3.51 32.46
N LYS A 58 -36.57 -2.56 32.68
CA LYS A 58 -36.19 -2.09 34.01
C LYS A 58 -37.30 -1.28 34.66
N ASP A 59 -37.93 -0.35 33.90
CA ASP A 59 -38.92 0.57 34.44
C ASP A 59 -40.00 0.84 33.40
N ALA A 60 -41.10 0.09 33.44
CA ALA A 60 -42.13 0.16 32.42
C ALA A 60 -43.06 1.36 32.64
N SER A 61 -43.09 1.89 33.88
CA SER A 61 -43.81 3.11 34.22
C SER A 61 -43.27 4.30 33.43
N THR A 62 -41.95 4.41 33.40
CA THR A 62 -41.23 5.47 32.72
C THR A 62 -41.14 5.21 31.22
N ALA A 63 -41.74 4.13 30.71
CA ALA A 63 -41.46 3.72 29.34
C ALA A 63 -42.14 4.69 28.36
N ALA A 64 -41.43 5.03 27.28
CA ALA A 64 -41.93 5.95 26.26
C ALA A 64 -43.06 5.28 25.49
N ASP A 65 -44.00 6.11 25.01
CA ASP A 65 -45.06 5.64 24.13
C ASP A 65 -44.47 5.25 22.78
N VAL A 66 -43.49 6.03 22.31
CA VAL A 66 -42.84 5.85 21.01
C VAL A 66 -41.34 5.95 21.23
N PHE A 67 -40.57 5.07 20.57
CA PHE A 67 -39.12 5.09 20.74
C PHE A 67 -38.41 4.54 19.51
N SER A 68 -37.16 5.00 19.30
CA SER A 68 -36.30 4.47 18.26
C SER A 68 -35.61 3.20 18.74
N LEU A 69 -35.36 2.28 17.81
CA LEU A 69 -34.61 1.09 18.10
C LEU A 69 -33.93 0.57 16.83
N PRO A 70 -32.88 -0.27 16.96
CA PRO A 70 -32.30 -0.97 15.81
C PRO A 70 -33.13 -2.22 15.58
N HIS A 71 -33.42 -2.53 14.31
CA HIS A 71 -34.33 -3.64 14.02
C HIS A 71 -33.81 -4.96 14.59
N ASP A 72 -32.50 -5.08 14.83
CA ASP A 72 -31.94 -6.34 15.29
C ASP A 72 -32.48 -6.74 16.67
N GLN A 73 -33.07 -5.79 17.41
CA GLN A 73 -33.67 -6.07 18.71
C GLN A 73 -35.20 -6.22 18.66
N LEU A 74 -35.80 -6.05 17.48
CA LEU A 74 -37.26 -6.03 17.36
C LEU A 74 -37.85 -7.39 17.75
N GLY A 75 -37.21 -8.47 17.31
CA GLY A 75 -37.67 -9.80 17.63
C GLY A 75 -37.78 -10.05 19.13
N GLN A 76 -36.82 -9.54 19.91
CA GLN A 76 -36.85 -9.71 21.36
C GLN A 76 -38.04 -8.95 21.95
N LEU A 77 -38.28 -7.72 21.47
CA LEU A 77 -39.32 -6.87 22.02
C LEU A 77 -40.69 -7.41 21.67
N VAL A 78 -40.82 -8.08 20.52
CA VAL A 78 -42.07 -8.70 20.17
C VAL A 78 -42.34 -9.87 21.10
N GLU A 79 -41.30 -10.69 21.31
CA GLU A 79 -41.41 -11.96 22.00
C GLU A 79 -41.69 -11.77 23.49
N SER A 80 -41.26 -10.63 24.04
CA SER A 80 -41.55 -10.28 25.42
C SER A 80 -42.88 -9.54 25.54
N GLY A 81 -43.62 -9.37 24.44
CA GLY A 81 -44.94 -8.76 24.47
C GLY A 81 -44.90 -7.23 24.59
N THR A 82 -43.74 -6.62 24.38
CA THR A 82 -43.57 -5.19 24.60
C THR A 82 -44.04 -4.38 23.39
N ILE A 83 -43.86 -4.91 22.17
CA ILE A 83 -44.29 -4.23 20.96
C ILE A 83 -45.32 -5.10 20.24
N GLN A 84 -46.46 -4.51 19.91
CA GLN A 84 -47.54 -5.23 19.29
C GLN A 84 -47.65 -4.86 17.81
N GLU A 85 -48.34 -5.71 17.06
CA GLU A 85 -48.57 -5.54 15.64
C GLU A 85 -49.17 -4.15 15.40
N VAL A 86 -48.66 -3.43 14.39
CA VAL A 86 -49.18 -2.11 14.10
C VAL A 86 -50.57 -2.26 13.50
N PRO A 87 -51.45 -1.23 13.60
CA PRO A 87 -52.72 -1.22 12.88
C PRO A 87 -52.52 -1.38 11.37
N GLU A 88 -53.49 -2.01 10.70
CA GLU A 88 -53.42 -2.30 9.27
C GLU A 88 -53.20 -1.04 8.43
N LYS A 89 -53.78 0.09 8.83
CA LYS A 89 -53.58 1.38 8.17
C LYS A 89 -52.09 1.65 7.97
N TYR A 90 -51.32 1.50 9.04
CA TYR A 90 -49.90 1.78 9.03
C TYR A 90 -49.13 0.67 8.32
N ASN A 91 -49.55 -0.57 8.50
CA ASN A 91 -48.95 -1.65 7.74
C ASN A 91 -48.93 -1.31 6.25
N LYS A 92 -50.05 -0.83 5.70
CA LYS A 92 -50.12 -0.54 4.28
C LYS A 92 -49.18 0.61 3.90
N GLU A 93 -49.10 1.64 4.74
CA GLU A 93 -48.31 2.83 4.47
CA GLU A 93 -48.31 2.83 4.43
C GLU A 93 -46.82 2.48 4.49
N ILE A 94 -46.43 1.68 5.48
CA ILE A 94 -45.04 1.27 5.64
C ILE A 94 -44.61 0.44 4.43
N ALA A 95 -45.41 -0.54 4.04
CA ALA A 95 -45.05 -1.41 2.93
C ALA A 95 -44.96 -0.60 1.63
N ALA A 96 -45.90 0.33 1.42
CA ALA A 96 -45.89 1.15 0.22
C ALA A 96 -44.67 2.08 0.16
N THR A 97 -44.24 2.66 1.30
CA THR A 97 -43.28 3.75 1.24
C THR A 97 -41.86 3.25 1.46
N SER A 98 -41.70 2.13 2.18
CA SER A 98 -40.38 1.62 2.51
C SER A 98 -39.82 0.70 1.42
N THR A 99 -38.48 0.56 1.36
CA THR A 99 -37.87 -0.47 0.55
C THR A 99 -38.31 -1.83 1.10
N ASP A 100 -38.22 -2.87 0.27
CA ASP A 100 -38.53 -4.22 0.70
C ASP A 100 -37.61 -4.64 1.83
N GLN A 101 -36.31 -4.32 1.72
CA GLN A 101 -35.35 -4.69 2.75
C GLN A 101 -35.69 -4.02 4.09
N ALA A 102 -36.09 -2.73 4.05
CA ALA A 102 -36.45 -1.99 5.25
C ALA A 102 -37.66 -2.65 5.91
N LEU A 103 -38.63 -3.05 5.09
CA LEU A 103 -39.84 -3.69 5.59
C LEU A 103 -39.47 -4.99 6.32
N ILE A 104 -38.57 -5.79 5.74
CA ILE A 104 -38.12 -7.02 6.37
C ILE A 104 -37.56 -6.69 7.75
N GLY A 105 -36.89 -5.52 7.86
CA GLY A 105 -36.39 -5.02 9.13
C GLY A 105 -37.52 -4.82 10.15
N ALA A 106 -38.66 -4.32 9.66
CA ALA A 106 -39.77 -3.93 10.51
C ALA A 106 -40.71 -5.11 10.80
N GLN A 107 -40.44 -6.27 10.20
CA GLN A 107 -41.34 -7.40 10.33
C GLN A 107 -40.70 -8.53 11.12
N TYR A 108 -41.56 -9.33 11.76
CA TYR A 108 -41.16 -10.50 12.52
C TYR A 108 -42.25 -11.55 12.40
N LYS A 109 -41.89 -12.72 11.89
CA LYS A 109 -42.81 -13.81 11.61
C LYS A 109 -44.04 -13.29 10.88
N GLY A 110 -43.83 -12.45 9.85
CA GLY A 110 -44.87 -12.11 8.89
C GLY A 110 -45.70 -10.89 9.29
N LYS A 111 -45.47 -10.32 10.48
CA LYS A 111 -46.24 -9.19 10.94
C LYS A 111 -45.36 -7.95 11.07
N THR A 112 -45.96 -6.79 10.85
CA THR A 112 -45.25 -5.51 10.91
C THR A 112 -45.41 -4.92 12.31
N TYR A 113 -44.30 -4.61 12.98
CA TYR A 113 -44.28 -4.14 14.35
C TYR A 113 -43.63 -2.78 14.50
N ALA A 114 -43.12 -2.17 13.42
CA ALA A 114 -42.40 -0.91 13.56
C ALA A 114 -42.35 -0.15 12.23
N PHE A 115 -41.89 1.10 12.33
CA PHE A 115 -41.84 2.06 11.24
C PHE A 115 -40.40 2.36 10.86
N PRO A 116 -39.88 1.89 9.70
CA PRO A 116 -38.50 2.19 9.29
C PRO A 116 -38.32 3.69 9.09
N PHE A 117 -37.15 4.21 9.52
CA PHE A 117 -36.80 5.58 9.22
C PHE A 117 -35.42 5.69 8.58
N GLY A 118 -34.62 4.63 8.63
CA GLY A 118 -33.23 4.73 8.19
C GLY A 118 -32.62 3.38 7.92
N ILE A 119 -31.51 3.38 7.16
CA ILE A 119 -30.78 2.18 6.84
C ILE A 119 -29.31 2.45 7.00
N GLU A 120 -28.56 1.37 7.24
CA GLU A 120 -27.11 1.47 7.24
C GLU A 120 -26.52 0.15 6.78
N SER A 121 -25.45 0.30 6.02
CA SER A 121 -24.70 -0.78 5.42
C SER A 121 -23.25 -0.36 5.36
N GLN A 122 -22.34 -1.33 5.43
CA GLN A 122 -20.96 -1.06 5.11
C GLN A 122 -20.86 -0.84 3.61
N VAL A 123 -19.78 -0.16 3.21
CA VAL A 123 -19.45 0.12 1.82
C VAL A 123 -17.96 -0.15 1.63
N LEU A 124 -17.50 -0.06 0.37
CA LEU A 124 -16.06 -0.08 0.07
C LEU A 124 -15.52 1.34 0.01
N PHE A 125 -14.56 1.66 0.89
CA PHE A 125 -13.81 2.89 0.81
C PHE A 125 -12.49 2.62 0.08
N TYR A 126 -12.08 3.51 -0.84
CA TYR A 126 -10.79 3.35 -1.49
C TYR A 126 -10.12 4.70 -1.71
N ASN A 127 -8.80 4.64 -1.92
CA ASN A 127 -7.97 5.77 -2.28
C ASN A 127 -7.88 5.90 -3.80
N LYS A 128 -8.42 6.99 -4.33
CA LYS A 128 -8.49 7.25 -5.76
C LYS A 128 -7.11 7.50 -6.36
N SER A 129 -6.12 7.83 -5.54
CA SER A 129 -4.76 7.98 -6.00
C SER A 129 -4.08 6.61 -6.13
N LYS A 130 -4.71 5.53 -5.67
CA LYS A 130 -4.12 4.19 -5.70
C LYS A 130 -4.93 3.20 -6.56
N LEU A 131 -6.25 3.46 -6.68
CA LEU A 131 -7.21 2.60 -7.38
C LEU A 131 -8.16 3.46 -8.22
N ALA A 132 -8.30 3.08 -9.49
CA ALA A 132 -9.34 3.58 -10.39
C ALA A 132 -10.67 2.89 -10.11
N ALA A 133 -11.75 3.65 -10.36
CA ALA A 133 -13.12 3.20 -10.15
C ALA A 133 -13.35 1.85 -10.84
N GLU A 134 -12.84 1.73 -12.06
CA GLU A 134 -12.95 0.53 -12.87
C GLU A 134 -12.44 -0.68 -12.13
N ASP A 135 -11.48 -0.48 -11.22
CA ASP A 135 -10.74 -1.59 -10.65
C ASP A 135 -11.24 -2.00 -9.27
N VAL A 136 -12.38 -1.46 -8.81
CA VAL A 136 -12.85 -1.77 -7.46
C VAL A 136 -14.13 -2.59 -7.48
N THR A 137 -14.53 -3.11 -8.67
CA THR A 137 -15.71 -3.94 -8.79
C THR A 137 -15.40 -5.40 -8.50
N SER A 138 -14.11 -5.75 -8.40
CA SER A 138 -13.71 -7.12 -8.15
C SER A 138 -12.64 -7.19 -7.06
N TYR A 139 -12.83 -8.08 -6.07
CA TYR A 139 -11.86 -8.28 -5.01
C TYR A 139 -10.52 -8.76 -5.60
N ASP A 140 -10.59 -9.67 -6.57
CA ASP A 140 -9.40 -10.21 -7.20
C ASP A 140 -8.63 -9.09 -7.91
N THR A 141 -9.34 -8.19 -8.60
CA THR A 141 -8.70 -7.06 -9.24
C THR A 141 -8.09 -6.13 -8.18
N ILE A 142 -8.85 -5.82 -7.13
CA ILE A 142 -8.35 -4.92 -6.10
C ILE A 142 -7.01 -5.43 -5.56
N THR A 143 -6.92 -6.72 -5.23
CA THR A 143 -5.75 -7.27 -4.59
C THR A 143 -4.66 -7.65 -5.60
N THR A 144 -4.97 -7.67 -6.91
CA THR A 144 -3.94 -7.80 -7.95
C THR A 144 -3.27 -6.44 -8.14
N LYS A 145 -4.07 -5.37 -8.27
CA LYS A 145 -3.54 -4.07 -8.63
C LYS A 145 -3.15 -3.22 -7.43
N ALA A 146 -3.77 -3.43 -6.27
CA ALA A 146 -3.49 -2.58 -5.11
C ALA A 146 -3.59 -3.41 -3.83
N THR A 147 -4.14 -2.82 -2.76
CA THR A 147 -4.32 -3.56 -1.53
C THR A 147 -5.73 -3.36 -1.00
N PHE A 148 -6.18 -4.41 -0.30
CA PHE A 148 -7.36 -4.40 0.52
C PHE A 148 -6.95 -4.75 1.95
N GLY A 149 -7.44 -3.98 2.92
CA GLY A 149 -7.18 -4.23 4.32
C GLY A 149 -8.44 -4.70 5.06
N GLY A 150 -8.25 -5.69 5.94
CA GLY A 150 -9.30 -6.20 6.81
C GLY A 150 -8.75 -6.65 8.17
N THR A 151 -9.65 -6.72 9.16
CA THR A 151 -9.32 -7.23 10.49
C THR A 151 -9.67 -8.71 10.54
N PHE A 152 -8.75 -9.54 10.03
CA PHE A 152 -8.96 -10.97 9.92
C PHE A 152 -8.29 -11.73 11.07
N LYS A 153 -7.25 -11.17 11.70
CA LYS A 153 -6.60 -11.87 12.81
C LYS A 153 -7.59 -11.98 13.97
N GLN A 154 -8.29 -10.88 14.25
CA GLN A 154 -9.40 -10.84 15.18
C GLN A 154 -10.65 -10.54 14.39
N ALA A 155 -11.28 -11.60 13.87
CA ALA A 155 -12.30 -11.48 12.86
C ALA A 155 -13.47 -10.68 13.42
N ASN A 156 -14.00 -9.81 12.56
CA ASN A 156 -15.21 -9.06 12.81
C ASN A 156 -16.33 -9.75 12.04
N SER A 157 -17.22 -10.40 12.78
CA SER A 157 -18.32 -11.18 12.25
C SER A 157 -19.33 -10.30 11.50
N TYR A 158 -19.52 -9.07 11.97
CA TYR A 158 -20.38 -8.12 11.29
C TYR A 158 -19.85 -7.85 9.88
N ALA A 159 -18.51 -7.80 9.77
CA ALA A 159 -17.83 -7.51 8.52
C ALA A 159 -17.79 -8.74 7.60
N THR A 160 -17.31 -9.91 8.07
CA THR A 160 -17.06 -11.03 7.16
C THR A 160 -17.98 -12.23 7.40
N GLY A 161 -18.85 -12.19 8.42
CA GLY A 161 -19.88 -13.19 8.60
C GLY A 161 -20.70 -13.37 7.32
N PRO A 162 -21.15 -12.27 6.66
CA PRO A 162 -21.92 -12.37 5.41
C PRO A 162 -21.27 -13.03 4.20
N LEU A 163 -19.98 -13.34 4.27
CA LEU A 163 -19.33 -14.10 3.22
C LEU A 163 -20.05 -15.45 3.05
N PHE A 164 -20.51 -16.03 4.16
CA PHE A 164 -21.17 -17.33 4.11
C PHE A 164 -22.48 -17.24 3.32
N MET A 165 -23.16 -16.08 3.42
CA MET A 165 -24.40 -15.88 2.71
C MET A 165 -24.13 -15.44 1.28
N SER A 166 -22.93 -14.88 1.03
CA SER A 166 -22.49 -14.44 -0.28
C SER A 166 -22.38 -15.62 -1.25
N VAL A 167 -21.97 -16.78 -0.74
CA VAL A 167 -21.85 -17.99 -1.53
C VAL A 167 -23.16 -18.79 -1.56
N GLY A 168 -24.26 -18.30 -1.00
CA GLY A 168 -25.56 -18.94 -1.18
C GLY A 168 -26.00 -19.78 0.02
N ASN A 169 -25.22 -19.81 1.11
CA ASN A 169 -25.68 -20.36 2.36
C ASN A 169 -26.55 -19.32 3.09
N THR A 170 -27.25 -19.73 4.14
CA THR A 170 -28.14 -18.85 4.87
C THR A 170 -27.72 -18.72 6.33
N LEU A 171 -28.21 -17.65 6.95
CA LEU A 171 -28.22 -17.48 8.40
C LEU A 171 -29.68 -17.57 8.86
N PHE A 172 -30.03 -18.72 9.45
CA PHE A 172 -31.38 -19.06 9.86
C PHE A 172 -32.36 -19.06 8.68
N GLY A 173 -31.99 -19.72 7.60
CA GLY A 173 -32.87 -19.87 6.44
C GLY A 173 -33.03 -18.56 5.67
N GLU A 174 -33.62 -18.67 4.46
CA GLU A 174 -33.77 -17.58 3.53
C GLU A 174 -34.45 -16.36 4.16
N ASN A 175 -35.35 -16.58 5.11
CA ASN A 175 -36.07 -15.48 5.74
C ASN A 175 -35.45 -15.07 7.08
N GLY A 176 -34.43 -15.79 7.55
CA GLY A 176 -33.72 -15.40 8.76
C GLY A 176 -34.52 -15.70 10.03
N GLU A 177 -35.51 -16.59 9.92
CA GLU A 177 -36.41 -16.85 11.03
C GLU A 177 -36.49 -18.34 11.35
N ASP A 178 -35.76 -19.19 10.63
CA ASP A 178 -35.75 -20.60 10.94
C ASP A 178 -34.56 -20.91 11.86
N VAL A 179 -34.84 -21.25 13.11
CA VAL A 179 -33.79 -21.45 14.11
C VAL A 179 -32.87 -22.61 13.70
N LYS A 180 -33.36 -23.51 12.81
CA LYS A 180 -32.60 -24.68 12.39
C LYS A 180 -32.11 -24.53 10.94
N GLY A 181 -32.20 -23.32 10.37
CA GLY A 181 -31.96 -23.14 8.95
C GLY A 181 -30.52 -22.76 8.62
N THR A 182 -29.69 -22.35 9.60
CA THR A 182 -28.31 -22.00 9.29
C THR A 182 -27.62 -23.25 8.74
N ASN A 183 -26.93 -23.10 7.58
CA ASN A 183 -26.39 -24.23 6.84
C ASN A 183 -25.02 -23.86 6.27
N TRP A 184 -24.02 -23.67 7.14
CA TRP A 184 -22.65 -23.39 6.71
C TRP A 184 -21.81 -24.66 6.54
N GLY A 185 -22.24 -25.77 7.16
CA GLY A 185 -21.45 -26.98 7.20
C GLY A 185 -21.52 -27.72 5.85
N ASN A 186 -21.01 -27.10 4.80
CA ASN A 186 -21.01 -27.72 3.48
C ASN A 186 -19.78 -27.21 2.76
N GLU A 187 -19.57 -27.66 1.52
CA GLU A 187 -18.39 -27.31 0.76
C GLU A 187 -18.29 -25.81 0.49
N LYS A 188 -19.43 -25.14 0.34
CA LYS A 188 -19.43 -23.70 0.11
C LYS A 188 -18.94 -22.94 1.35
N GLY A 189 -19.35 -23.38 2.54
CA GLY A 189 -18.87 -22.80 3.77
C GLY A 189 -17.38 -23.03 3.92
N ALA A 190 -16.94 -24.27 3.64
CA ALA A 190 -15.53 -24.64 3.70
C ALA A 190 -14.70 -23.75 2.79
N ALA A 191 -15.29 -23.41 1.63
CA ALA A 191 -14.60 -22.59 0.66
C ALA A 191 -14.45 -21.16 1.17
N VAL A 192 -15.39 -20.70 2.01
CA VAL A 192 -15.23 -19.39 2.63
C VAL A 192 -14.01 -19.41 3.56
N LEU A 193 -13.88 -20.46 4.37
CA LEU A 193 -12.73 -20.60 5.28
C LEU A 193 -11.42 -20.67 4.51
N LYS A 194 -11.43 -21.39 3.39
CA LYS A 194 -10.28 -21.47 2.50
C LYS A 194 -9.87 -20.08 1.98
N TRP A 195 -10.82 -19.29 1.49
CA TRP A 195 -10.55 -17.95 1.00
C TRP A 195 -9.99 -17.08 2.13
N ILE A 196 -10.56 -17.22 3.34
CA ILE A 196 -10.05 -16.48 4.48
C ILE A 196 -8.58 -16.82 4.68
N ALA A 197 -8.27 -18.12 4.73
CA ALA A 197 -6.90 -18.59 4.97
C ALA A 197 -5.96 -18.12 3.86
N ASP A 198 -6.44 -18.17 2.61
CA ASP A 198 -5.64 -17.74 1.46
C ASP A 198 -5.27 -16.25 1.56
N GLN A 199 -6.08 -15.41 2.23
CA GLN A 199 -5.75 -13.98 2.26
C GLN A 199 -4.40 -13.72 2.94
N ALA A 200 -3.96 -14.62 3.83
CA ALA A 200 -2.68 -14.46 4.50
C ALA A 200 -1.53 -14.47 3.50
N SER A 201 -1.64 -15.23 2.39
CA SER A 201 -0.58 -15.22 1.40
C SER A 201 -0.97 -14.45 0.13
N ASN A 202 -2.12 -13.75 0.10
CA ASN A 202 -2.44 -12.82 -0.98
C ASN A 202 -1.65 -11.52 -0.78
N LYS A 203 -0.78 -11.19 -1.75
CA LYS A 203 0.15 -10.06 -1.61
C LYS A 203 -0.60 -8.73 -1.62
N GLY A 204 -1.85 -8.73 -2.12
CA GLY A 204 -2.68 -7.52 -2.10
C GLY A 204 -3.58 -7.43 -0.86
N PHE A 205 -3.49 -8.39 0.06
CA PHE A 205 -4.27 -8.33 1.29
C PHE A 205 -3.36 -7.86 2.43
N VAL A 206 -3.88 -6.93 3.22
CA VAL A 206 -3.14 -6.34 4.33
C VAL A 206 -3.89 -6.61 5.63
N SER A 207 -3.21 -7.32 6.53
CA SER A 207 -3.76 -7.74 7.81
C SER A 207 -3.80 -6.55 8.78
N LEU A 208 -4.99 -6.14 9.20
CA LEU A 208 -5.18 -4.96 10.04
C LEU A 208 -5.61 -5.34 11.44
N ASP A 209 -5.43 -4.38 12.37
CA ASP A 209 -6.15 -4.33 13.64
C ASP A 209 -7.20 -3.24 13.59
N ALA A 210 -8.16 -3.28 14.51
CA ALA A 210 -9.22 -2.29 14.53
C ALA A 210 -8.66 -0.88 14.64
N ASN A 211 -7.60 -0.72 15.45
CA ASN A 211 -7.10 0.61 15.74
C ASN A 211 -6.12 1.12 14.67
N ASN A 212 -5.81 0.35 13.61
CA ASN A 212 -4.96 0.89 12.56
C ASN A 212 -5.61 0.86 11.17
N VAL A 213 -6.93 0.67 11.07
CA VAL A 213 -7.54 0.64 9.75
C VAL A 213 -7.35 2.01 9.12
N ILE A 214 -7.72 3.06 9.87
CA ILE A 214 -7.71 4.40 9.33
C ILE A 214 -6.28 4.88 9.12
N SER A 215 -5.37 4.59 10.04
CA SER A 215 -4.03 5.13 9.94
C SER A 215 -3.25 4.46 8.80
N LYS A 216 -3.48 3.18 8.56
CA LYS A 216 -2.85 2.51 7.44
C LYS A 216 -3.50 2.94 6.12
N PHE A 217 -4.77 3.33 6.14
CA PHE A 217 -5.37 3.97 4.98
C PHE A 217 -4.67 5.30 4.75
N GLY A 218 -4.49 6.10 5.82
CA GLY A 218 -3.83 7.40 5.72
C GLY A 218 -2.39 7.31 5.22
N ASP A 219 -1.64 6.27 5.61
CA ASP A 219 -0.23 6.19 5.26
C ASP A 219 -0.05 5.56 3.87
N GLY A 220 -1.13 5.07 3.25
CA GLY A 220 -1.05 4.58 1.89
C GLY A 220 -0.72 3.09 1.78
N SER A 221 -0.60 2.38 2.90
CA SER A 221 -0.30 0.95 2.88
C SER A 221 -1.55 0.12 2.60
N VAL A 222 -2.72 0.72 2.81
CA VAL A 222 -3.99 0.09 2.51
C VAL A 222 -4.72 0.98 1.51
N ALA A 223 -5.03 0.42 0.32
CA ALA A 223 -5.64 1.20 -0.76
C ALA A 223 -7.15 1.23 -0.60
N SER A 224 -7.70 0.23 0.09
CA SER A 224 -9.13 0.02 0.18
C SER A 224 -9.46 -0.80 1.42
N PHE A 225 -10.69 -0.62 1.90
CA PHE A 225 -11.19 -1.35 3.05
C PHE A 225 -12.69 -1.15 3.08
N GLU A 226 -13.36 -2.00 3.88
CA GLU A 226 -14.80 -1.94 4.06
C GLU A 226 -15.13 -1.47 5.47
N SER A 227 -16.04 -0.48 5.54
CA SER A 227 -16.59 0.00 6.79
C SER A 227 -17.87 0.78 6.51
N GLY A 228 -18.46 1.28 7.59
CA GLY A 228 -19.76 1.94 7.52
C GLY A 228 -19.62 3.45 7.48
N PRO A 229 -20.76 4.16 7.33
CA PRO A 229 -20.79 5.62 7.33
C PRO A 229 -20.12 6.26 8.54
N TRP A 230 -20.03 5.52 9.65
CA TRP A 230 -19.42 6.04 10.86
C TRP A 230 -17.92 6.31 10.68
N ASP A 231 -17.28 5.70 9.66
CA ASP A 231 -15.86 5.92 9.42
C ASP A 231 -15.61 6.86 8.25
N TYR A 232 -16.66 7.45 7.68
CA TYR A 232 -16.54 8.24 6.47
C TYR A 232 -15.67 9.46 6.73
N GLU A 233 -15.94 10.17 7.83
CA GLU A 233 -15.21 11.40 8.14
C GLU A 233 -13.74 11.10 8.39
N ALA A 234 -13.43 10.08 9.20
CA ALA A 234 -12.05 9.70 9.43
C ALA A 234 -11.34 9.28 8.13
N ALA A 235 -12.02 8.59 7.22
CA ALA A 235 -11.39 8.17 5.96
C ALA A 235 -11.03 9.39 5.11
N GLN A 236 -12.00 10.29 4.98
CA GLN A 236 -11.83 11.58 4.33
C GLN A 236 -10.62 12.34 4.86
N LYS A 237 -10.47 12.37 6.18
CA LYS A 237 -9.40 13.13 6.80
C LYS A 237 -8.08 12.40 6.61
N ALA A 238 -8.10 11.07 6.58
CA ALA A 238 -6.88 10.30 6.48
C ALA A 238 -6.15 10.57 5.16
N ILE A 239 -6.87 10.68 4.04
CA ILE A 239 -6.24 10.81 2.73
C ILE A 239 -6.67 12.07 1.99
N GLY A 240 -7.65 12.82 2.52
CA GLY A 240 -8.12 14.04 1.86
C GLY A 240 -9.43 13.76 1.12
N LYS A 241 -10.37 14.70 1.23
CA LYS A 241 -11.72 14.50 0.74
C LYS A 241 -11.69 14.12 -0.73
N GLU A 242 -10.83 14.78 -1.51
CA GLU A 242 -10.85 14.65 -2.95
C GLU A 242 -10.29 13.28 -3.40
N ASN A 243 -9.62 12.55 -2.50
CA ASN A 243 -9.02 11.28 -2.82
C ASN A 243 -9.87 10.10 -2.39
N LEU A 244 -10.91 10.37 -1.58
CA LEU A 244 -11.76 9.31 -1.03
C LEU A 244 -12.80 8.88 -2.08
N GLY A 245 -12.76 7.59 -2.41
CA GLY A 245 -13.78 6.98 -3.23
C GLY A 245 -14.68 6.11 -2.37
N VAL A 246 -15.95 6.02 -2.79
CA VAL A 246 -16.94 5.19 -2.13
C VAL A 246 -17.62 4.34 -3.20
N ALA A 247 -17.67 3.04 -2.96
CA ALA A 247 -18.32 2.14 -3.89
C ALA A 247 -19.05 1.06 -3.11
N ILE A 248 -19.93 0.37 -3.83
CA ILE A 248 -20.61 -0.79 -3.32
C ILE A 248 -19.55 -1.87 -3.07
N TYR A 249 -19.89 -2.86 -2.26
CA TYR A 249 -19.06 -4.04 -2.11
C TYR A 249 -18.75 -4.65 -3.49
N PRO A 250 -17.52 -5.15 -3.68
CA PRO A 250 -17.14 -5.78 -4.94
C PRO A 250 -17.68 -7.19 -5.03
N LYS A 251 -17.45 -7.82 -6.19
CA LYS A 251 -17.54 -9.26 -6.31
C LYS A 251 -16.31 -9.88 -5.67
N VAL A 252 -16.44 -11.14 -5.27
CA VAL A 252 -15.36 -11.90 -4.68
C VAL A 252 -15.44 -13.31 -5.22
N THR A 253 -14.29 -13.93 -5.42
CA THR A 253 -14.23 -15.26 -6.01
C THR A 253 -13.88 -16.23 -4.89
N ILE A 254 -14.85 -17.07 -4.54
CA ILE A 254 -14.72 -18.02 -3.43
C ILE A 254 -15.11 -19.39 -3.96
N GLY A 255 -14.25 -20.38 -3.73
CA GLY A 255 -14.50 -21.74 -4.19
C GLY A 255 -14.69 -21.77 -5.70
N GLY A 256 -13.95 -20.92 -6.40
CA GLY A 256 -13.99 -20.85 -7.85
C GLY A 256 -15.25 -20.20 -8.39
N GLU A 257 -16.08 -19.58 -7.54
CA GLU A 257 -17.29 -18.93 -8.05
C GLU A 257 -17.17 -17.45 -7.74
N THR A 258 -17.49 -16.62 -8.74
CA THR A 258 -17.48 -15.18 -8.53
C THR A 258 -18.88 -14.76 -8.13
N VAL A 259 -19.00 -14.19 -6.92
CA VAL A 259 -20.30 -13.86 -6.34
C VAL A 259 -20.23 -12.43 -5.82
N GLN A 260 -21.39 -11.80 -5.71
CA GLN A 260 -21.51 -10.53 -5.01
C GLN A 260 -21.14 -10.70 -3.54
N GLN A 261 -20.21 -9.87 -3.04
CA GLN A 261 -19.91 -9.84 -1.62
C GLN A 261 -21.06 -9.10 -0.93
N LYS A 262 -21.67 -9.75 0.07
CA LYS A 262 -22.74 -9.14 0.84
C LYS A 262 -22.25 -8.51 2.14
N ALA A 263 -23.03 -7.54 2.62
CA ALA A 263 -22.95 -7.04 3.99
C ALA A 263 -24.28 -7.24 4.70
N PHE A 264 -24.29 -6.96 6.01
CA PHE A 264 -25.51 -6.91 6.76
C PHE A 264 -26.17 -5.56 6.48
N LEU A 265 -27.51 -5.54 6.53
CA LEU A 265 -28.26 -4.31 6.59
C LEU A 265 -28.77 -4.13 8.02
N GLY A 266 -28.66 -2.89 8.50
CA GLY A 266 -29.35 -2.45 9.69
C GLY A 266 -30.47 -1.49 9.30
N VAL A 267 -31.65 -1.72 9.87
CA VAL A 267 -32.80 -0.86 9.67
C VAL A 267 -33.11 -0.16 10.98
N LYS A 268 -33.20 1.17 10.92
CA LYS A 268 -33.53 2.00 12.07
C LYS A 268 -35.05 2.18 12.10
N LEU A 269 -35.62 1.97 13.29
CA LEU A 269 -37.06 1.88 13.48
C LEU A 269 -37.54 2.87 14.54
N TYR A 270 -38.78 3.35 14.41
CA TYR A 270 -39.58 3.75 15.57
C TYR A 270 -40.65 2.69 15.79
N ALA A 271 -40.94 2.41 17.07
CA ALA A 271 -42.00 1.48 17.47
C ALA A 271 -42.87 2.13 18.56
N VAL A 272 -44.09 1.60 18.70
CA VAL A 272 -45.04 2.03 19.71
C VAL A 272 -45.08 0.97 20.81
N ASN A 273 -45.02 1.44 22.06
CA ASN A 273 -45.31 0.66 23.24
C ASN A 273 -46.63 1.17 23.83
N GLN A 274 -47.67 0.34 23.72
CA GLN A 274 -49.02 0.71 24.11
C GLN A 274 -49.16 0.71 25.63
N ALA A 275 -48.30 -0.03 26.34
CA ALA A 275 -48.50 -0.29 27.76
C ALA A 275 -48.69 1.01 28.54
N PRO A 276 -47.87 2.07 28.36
CA PRO A 276 -48.06 3.30 29.13
C PRO A 276 -49.36 4.06 28.91
N ALA A 277 -50.19 3.64 27.94
CA ALA A 277 -51.46 4.29 27.67
C ALA A 277 -52.61 3.65 28.46
N LYS A 278 -52.38 2.45 29.00
CA LYS A 278 -53.26 1.84 29.98
C LYS A 278 -54.70 1.74 29.47
N GLY A 279 -54.86 1.42 28.19
CA GLY A 279 -56.17 1.18 27.59
C GLY A 279 -56.75 2.41 26.86
N ASP A 280 -56.09 3.56 26.98
CA ASP A 280 -56.55 4.78 26.35
C ASP A 280 -56.27 4.69 24.84
N THR A 281 -57.31 4.32 24.07
CA THR A 281 -57.15 4.00 22.66
C THR A 281 -56.95 5.26 21.83
N LYS A 282 -57.43 6.41 22.31
CA LYS A 282 -57.21 7.67 21.63
C LYS A 282 -55.71 7.99 21.61
N ARG A 283 -55.04 7.70 22.73
CA ARG A 283 -53.63 7.97 22.95
C ARG A 283 -52.75 6.95 22.21
N ILE A 284 -53.19 5.69 22.19
CA ILE A 284 -52.52 4.69 21.38
C ILE A 284 -52.55 5.12 19.91
N ALA A 285 -53.72 5.55 19.41
CA ALA A 285 -53.84 6.02 18.03
C ALA A 285 -52.90 7.18 17.79
N ALA A 286 -52.78 8.08 18.78
CA ALA A 286 -51.89 9.24 18.67
C ALA A 286 -50.44 8.80 18.58
N SER A 287 -50.09 7.71 19.28
CA SER A 287 -48.73 7.20 19.30
C SER A 287 -48.34 6.68 17.93
N TYR A 288 -49.20 5.88 17.29
CA TYR A 288 -48.96 5.42 15.93
C TYR A 288 -48.88 6.61 14.97
N LYS A 289 -49.75 7.60 15.17
CA LYS A 289 -49.70 8.79 14.34
C LYS A 289 -48.34 9.50 14.47
N LEU A 290 -47.81 9.59 15.70
CA LEU A 290 -46.51 10.21 15.91
C LEU A 290 -45.42 9.44 15.16
N ALA A 291 -45.40 8.10 15.31
CA ALA A 291 -44.43 7.26 14.63
C ALA A 291 -44.50 7.46 13.12
N SER A 292 -45.73 7.54 12.59
CA SER A 292 -45.95 7.80 11.17
C SER A 292 -45.33 9.15 10.79
N TYR A 293 -45.58 10.18 11.61
CA TYR A 293 -45.04 11.50 11.31
C TYR A 293 -43.51 11.50 11.31
N LEU A 294 -42.91 10.79 12.27
CA LEU A 294 -41.46 10.80 12.48
C LEU A 294 -40.74 10.16 11.31
N THR A 295 -41.46 9.31 10.57
CA THR A 295 -40.86 8.45 9.56
C THR A 295 -41.49 8.68 8.17
N ASN A 296 -42.23 9.79 7.96
CA ASN A 296 -42.79 10.05 6.63
C ASN A 296 -41.72 10.67 5.74
N ALA A 297 -42.06 10.83 4.45
CA ALA A 297 -41.13 11.36 3.46
C ALA A 297 -40.51 12.67 3.94
N GLU A 298 -41.36 13.59 4.42
CA GLU A 298 -40.94 14.94 4.79
C GLU A 298 -39.89 14.90 5.91
N SER A 299 -40.16 14.10 6.96
CA SER A 299 -39.26 13.94 8.09
C SER A 299 -37.95 13.27 7.67
N GLN A 300 -38.03 12.21 6.84
CA GLN A 300 -36.84 11.52 6.36
C GLN A 300 -35.99 12.46 5.50
N GLU A 301 -36.62 13.29 4.65
CA GLU A 301 -35.91 14.31 3.91
C GLU A 301 -35.15 15.24 4.86
N ASN A 302 -35.86 15.75 5.87
CA ASN A 302 -35.26 16.61 6.89
C ASN A 302 -34.17 15.87 7.68
N GLN A 303 -34.36 14.58 7.98
CA GLN A 303 -33.36 13.84 8.75
C GLN A 303 -32.09 13.57 7.93
N PHE A 304 -32.23 13.37 6.62
CA PHE A 304 -31.05 13.26 5.77
C PHE A 304 -30.31 14.59 5.75
N LYS A 305 -31.04 15.68 5.52
CA LYS A 305 -30.44 17.00 5.42
C LYS A 305 -29.75 17.42 6.72
N THR A 306 -30.36 17.15 7.90
CA THR A 306 -29.82 17.71 9.13
C THR A 306 -28.81 16.76 9.77
N ARG A 307 -29.04 15.45 9.69
CA ARG A 307 -28.21 14.49 10.40
C ARG A 307 -27.72 13.37 9.51
N ASN A 308 -27.83 13.54 8.17
CA ASN A 308 -27.27 12.59 7.23
C ASN A 308 -27.77 11.17 7.49
N ILE A 309 -29.02 11.04 7.92
CA ILE A 309 -29.63 9.73 8.05
C ILE A 309 -30.00 9.26 6.65
N VAL A 310 -29.58 8.06 6.31
CA VAL A 310 -29.84 7.50 5.00
C VAL A 310 -31.26 6.95 5.06
N PRO A 311 -32.19 7.47 4.24
CA PRO A 311 -33.60 7.11 4.34
C PRO A 311 -33.95 5.67 3.95
N ALA A 312 -34.99 5.14 4.63
CA ALA A 312 -35.66 3.91 4.26
C ALA A 312 -36.77 4.17 3.22
N ASN A 313 -37.20 5.43 3.09
CA ASN A 313 -38.30 5.80 2.22
C ASN A 313 -37.80 5.86 0.78
N LYS A 314 -38.46 5.10 -0.10
CA LYS A 314 -38.00 4.97 -1.47
C LYS A 314 -37.95 6.31 -2.21
N GLU A 315 -38.96 7.15 -1.99
CA GLU A 315 -39.09 8.44 -2.67
C GLU A 315 -37.95 9.38 -2.25
N VAL A 316 -37.61 9.41 -0.95
CA VAL A 316 -36.54 10.27 -0.48
C VAL A 316 -35.19 9.72 -0.96
N GLN A 317 -35.07 8.39 -0.97
CA GLN A 317 -33.89 7.71 -1.50
C GLN A 317 -33.52 8.19 -2.91
N SER A 318 -34.52 8.46 -3.75
CA SER A 318 -34.25 8.83 -5.12
C SER A 318 -34.22 10.36 -5.30
N SER A 319 -34.39 11.14 -4.22
CA SER A 319 -34.32 12.59 -4.30
C SER A 319 -32.91 12.99 -4.75
N GLU A 320 -32.85 14.16 -5.39
CA GLU A 320 -31.59 14.69 -5.90
C GLU A 320 -30.58 14.88 -4.77
N ALA A 321 -30.99 15.43 -3.62
CA ALA A 321 -30.07 15.66 -2.52
C ALA A 321 -29.42 14.34 -2.09
N VAL A 322 -30.20 13.27 -1.99
CA VAL A 322 -29.66 11.99 -1.53
C VAL A 322 -28.85 11.33 -2.65
N GLN A 323 -29.36 11.34 -3.89
CA GLN A 323 -28.70 10.63 -4.98
C GLN A 323 -27.40 11.33 -5.38
N SER A 324 -27.26 12.61 -5.03
CA SER A 324 -26.06 13.40 -5.28
C SER A 324 -24.99 13.19 -4.21
N ASN A 325 -25.33 12.48 -3.14
CA ASN A 325 -24.39 12.22 -2.06
C ASN A 325 -23.86 10.80 -2.24
N GLU A 326 -22.56 10.66 -2.49
CA GLU A 326 -21.99 9.41 -2.95
C GLU A 326 -22.09 8.34 -1.84
N LEU A 327 -21.88 8.72 -0.57
CA LEU A 327 -22.03 7.79 0.54
C LEU A 327 -23.47 7.26 0.63
N ALA A 328 -24.43 8.18 0.67
CA ALA A 328 -25.83 7.81 0.84
C ALA A 328 -26.30 6.93 -0.32
N LYS A 329 -25.94 7.32 -1.54
CA LYS A 329 -26.32 6.60 -2.74
C LYS A 329 -25.81 5.16 -2.67
N THR A 330 -24.57 5.01 -2.19
CA THR A 330 -23.93 3.70 -2.10
C THR A 330 -24.62 2.83 -1.05
N VAL A 331 -24.91 3.40 0.12
CA VAL A 331 -25.59 2.66 1.19
C VAL A 331 -26.95 2.19 0.66
N ILE A 332 -27.60 3.07 -0.11
CA ILE A 332 -28.91 2.76 -0.64
C ILE A 332 -28.82 1.58 -1.63
N THR A 333 -27.82 1.59 -2.52
CA THR A 333 -27.66 0.49 -3.45
C THR A 333 -27.47 -0.80 -2.66
N MET A 334 -26.63 -0.77 -1.62
CA MET A 334 -26.40 -1.94 -0.81
C MET A 334 -27.70 -2.41 -0.15
N GLY A 335 -28.51 -1.47 0.35
CA GLY A 335 -29.77 -1.84 0.98
C GLY A 335 -30.90 -2.14 -0.01
N SER A 336 -30.68 -1.93 -1.32
CA SER A 336 -31.76 -1.97 -2.30
C SER A 336 -32.21 -3.41 -2.57
N SER A 337 -31.36 -4.38 -2.30
CA SER A 337 -31.61 -5.74 -2.75
C SER A 337 -30.86 -6.75 -1.90
N SER A 338 -31.49 -7.93 -1.75
CA SER A 338 -30.86 -9.02 -1.03
C SER A 338 -29.68 -9.60 -1.81
N ASP A 339 -29.50 -9.18 -3.07
CA ASP A 339 -28.25 -9.48 -3.76
C ASP A 339 -27.06 -8.88 -3.01
N TYR A 340 -27.24 -7.75 -2.32
CA TYR A 340 -26.14 -7.04 -1.66
C TYR A 340 -26.17 -7.15 -0.14
N THR A 341 -27.36 -7.16 0.47
CA THR A 341 -27.44 -7.15 1.93
C THR A 341 -28.32 -8.27 2.45
N VAL A 342 -27.89 -8.77 3.62
CA VAL A 342 -28.70 -9.65 4.43
C VAL A 342 -29.22 -8.83 5.61
N VAL A 343 -30.55 -8.71 5.71
CA VAL A 343 -31.13 -8.02 6.86
C VAL A 343 -30.85 -8.88 8.10
N MET A 344 -30.19 -8.25 9.06
CA MET A 344 -29.66 -8.92 10.23
C MET A 344 -30.82 -9.64 10.89
N PRO A 345 -30.75 -11.00 11.02
CA PRO A 345 -31.81 -11.75 11.70
C PRO A 345 -32.07 -11.29 13.13
N LYS A 346 -33.27 -11.60 13.63
CA LYS A 346 -33.78 -11.10 14.89
C LYS A 346 -33.80 -12.18 15.98
N LEU A 347 -33.50 -13.44 15.64
CA LEU A 347 -33.61 -14.55 16.58
C LEU A 347 -32.55 -14.39 17.66
N SER A 348 -32.86 -14.84 18.88
CA SER A 348 -31.94 -14.76 20.01
C SER A 348 -30.69 -15.61 19.78
N GLN A 349 -30.78 -16.64 18.93
CA GLN A 349 -29.63 -17.49 18.62
C GLN A 349 -28.53 -16.71 17.86
N MET A 350 -28.80 -15.47 17.46
CA MET A 350 -27.79 -14.58 16.89
C MET A 350 -26.62 -14.44 17.87
N GLY A 351 -26.90 -14.47 19.18
CA GLY A 351 -25.85 -14.48 20.20
C GLY A 351 -24.73 -15.45 19.85
N THR A 352 -25.08 -16.70 19.55
CA THR A 352 -24.10 -17.74 19.21
C THR A 352 -23.38 -17.38 17.92
N PHE A 353 -24.13 -16.87 16.94
CA PHE A 353 -23.55 -16.48 15.67
C PHE A 353 -22.40 -15.51 15.89
N TRP A 354 -22.62 -14.47 16.70
CA TRP A 354 -21.59 -13.45 16.89
C TRP A 354 -20.31 -14.07 17.44
N THR A 355 -20.47 -14.97 18.42
CA THR A 355 -19.33 -15.52 19.15
C THR A 355 -18.59 -16.54 18.29
N GLU A 356 -19.34 -17.53 17.80
CA GLU A 356 -18.77 -18.69 17.14
C GLU A 356 -18.26 -18.32 15.75
N SER A 357 -18.96 -17.45 15.02
CA SER A 357 -18.51 -17.11 13.67
C SER A 357 -17.17 -16.37 13.72
N ALA A 358 -17.03 -15.45 14.68
CA ALA A 358 -15.80 -14.69 14.86
C ALA A 358 -14.63 -15.62 15.14
N ALA A 359 -14.84 -16.61 16.01
CA ALA A 359 -13.75 -17.52 16.39
C ALA A 359 -13.32 -18.38 15.20
N ILE A 360 -14.27 -18.89 14.41
CA ILE A 360 -13.93 -19.78 13.31
C ILE A 360 -13.25 -18.98 12.19
N LEU A 361 -13.76 -17.78 11.91
CA LEU A 361 -13.14 -16.92 10.91
C LEU A 361 -11.72 -16.56 11.32
N SER A 362 -11.52 -16.27 12.62
CA SER A 362 -10.19 -15.97 13.15
C SER A 362 -9.28 -17.17 12.98
N ASP A 363 -9.74 -18.34 13.42
CA ASP A 363 -8.94 -19.56 13.37
C ASP A 363 -8.56 -19.93 11.94
N ALA A 364 -9.45 -19.72 10.96
CA ALA A 364 -9.11 -20.02 9.58
C ALA A 364 -7.98 -19.10 9.11
N PHE A 365 -8.06 -17.81 9.42
CA PHE A 365 -7.04 -16.87 8.98
C PHE A 365 -5.70 -17.16 9.66
N ASN A 366 -5.71 -17.48 10.95
CA ASN A 366 -4.51 -17.65 11.74
C ASN A 366 -3.94 -19.05 11.58
N GLY A 367 -4.64 -19.96 10.89
CA GLY A 367 -4.15 -21.31 10.71
C GLY A 367 -4.29 -22.17 11.96
N LYS A 368 -5.19 -21.80 12.87
CA LYS A 368 -5.39 -22.58 14.08
C LYS A 368 -6.32 -23.76 13.75
N ILE A 369 -7.03 -23.68 12.62
CA ILE A 369 -7.65 -24.85 12.03
C ILE A 369 -7.13 -24.99 10.61
N LYS A 370 -7.05 -26.24 10.15
CA LYS A 370 -6.52 -26.55 8.83
C LYS A 370 -7.67 -26.98 7.92
N GLU A 371 -7.35 -27.14 6.64
CA GLU A 371 -8.36 -27.39 5.62
C GLU A 371 -9.18 -28.64 5.95
N SER A 372 -8.50 -29.68 6.45
CA SER A 372 -9.12 -30.96 6.74
C SER A 372 -10.08 -30.88 7.93
N ASP A 373 -10.15 -29.72 8.59
CA ASP A 373 -11.06 -29.50 9.71
C ASP A 373 -12.20 -28.55 9.35
N TYR A 374 -12.17 -27.93 8.16
CA TYR A 374 -13.13 -26.89 7.84
C TYR A 374 -14.56 -27.40 7.92
N LEU A 375 -14.82 -28.56 7.31
CA LEU A 375 -16.18 -29.06 7.19
C LEU A 375 -16.71 -29.46 8.58
N THR A 376 -15.91 -30.18 9.38
CA THR A 376 -16.37 -30.66 10.68
C THR A 376 -16.66 -29.46 11.59
N LYS A 377 -15.85 -28.41 11.53
CA LYS A 377 -16.05 -27.22 12.37
C LYS A 377 -17.32 -26.49 11.97
N LEU A 378 -17.59 -26.41 10.65
CA LEU A 378 -18.79 -25.73 10.17
C LEU A 378 -20.05 -26.52 10.47
N GLN A 379 -19.98 -27.83 10.37
CA GLN A 379 -21.09 -28.71 10.75
C GLN A 379 -21.39 -28.55 12.24
N GLN A 380 -20.34 -28.46 13.07
CA GLN A 380 -20.53 -28.24 14.50
C GLN A 380 -21.14 -26.86 14.74
N PHE A 381 -20.69 -25.86 13.99
CA PHE A 381 -21.27 -24.53 14.05
C PHE A 381 -22.78 -24.60 13.79
N ASP A 382 -23.17 -25.34 12.74
CA ASP A 382 -24.58 -25.46 12.39
C ASP A 382 -25.40 -26.06 13.54
N LYS A 383 -24.82 -27.04 14.25
CA LYS A 383 -25.49 -27.67 15.37
C LYS A 383 -25.59 -26.69 16.54
N ASP A 384 -24.47 -26.07 16.91
CA ASP A 384 -24.39 -25.17 18.05
C ASP A 384 -25.45 -24.06 17.94
N ILE A 385 -25.53 -23.43 16.77
CA ILE A 385 -26.35 -22.26 16.59
C ILE A 385 -27.84 -22.64 16.61
N ALA A 386 -28.16 -23.90 16.28
CA ALA A 386 -29.54 -24.37 16.17
C ALA A 386 -30.19 -24.66 17.54
N ALA A 387 -29.40 -24.81 18.61
CA ALA A 387 -29.88 -24.78 19.98
C ALA A 387 -30.92 -23.66 20.19
N LYS B 13 63.63 -1.16 1.70
CA LYS B 13 62.97 0.14 1.94
C LYS B 13 61.52 -0.07 2.37
N THR B 14 60.81 1.05 2.62
CA THR B 14 59.44 1.05 3.09
C THR B 14 58.58 1.83 2.09
N ILE B 15 57.36 1.36 1.84
CA ILE B 15 56.43 2.11 1.02
C ILE B 15 55.20 2.39 1.87
N LYS B 16 54.51 3.49 1.55
CA LYS B 16 53.33 3.90 2.31
C LYS B 16 52.07 3.59 1.50
N LEU B 17 51.10 2.95 2.16
CA LEU B 17 49.83 2.55 1.58
C LEU B 17 48.69 3.22 2.33
N TRP B 18 47.74 3.82 1.57
CA TRP B 18 46.47 4.26 2.11
C TRP B 18 45.37 3.27 1.75
N VAL B 19 44.71 2.71 2.77
CA VAL B 19 43.60 1.80 2.58
C VAL B 19 42.33 2.47 3.08
N PRO B 20 41.13 2.06 2.61
CA PRO B 20 39.88 2.60 3.15
C PRO B 20 39.72 2.37 4.64
N THR B 21 38.87 3.21 5.26
CA THR B 21 38.64 3.18 6.69
C THR B 21 38.14 1.79 7.06
N GLY B 22 38.62 1.29 8.21
CA GLY B 22 38.17 0.03 8.76
C GLY B 22 38.85 -1.19 8.13
N SER B 23 39.64 -0.98 7.06
CA SER B 23 40.02 -2.09 6.20
C SER B 23 41.36 -2.68 6.60
N LYS B 24 42.15 -1.95 7.43
CA LYS B 24 43.53 -2.34 7.67
C LYS B 24 43.62 -3.80 8.07
N LYS B 25 42.82 -4.24 9.04
CA LYS B 25 42.88 -5.62 9.50
C LYS B 25 42.56 -6.58 8.35
N SER B 26 41.58 -6.20 7.52
CA SER B 26 41.15 -7.05 6.40
C SER B 26 42.34 -7.37 5.50
N TYR B 27 43.25 -6.40 5.33
CA TYR B 27 44.36 -6.49 4.38
C TYR B 27 45.64 -7.07 5.00
N ALA B 28 45.63 -7.35 6.31
CA ALA B 28 46.87 -7.70 7.00
C ALA B 28 47.56 -8.86 6.31
N ASP B 29 46.82 -9.94 6.02
CA ASP B 29 47.42 -11.14 5.46
C ASP B 29 47.96 -10.86 4.06
N THR B 30 47.21 -10.09 3.26
CA THR B 30 47.63 -9.70 1.91
C THR B 30 48.99 -8.99 1.98
N ILE B 31 49.07 -8.01 2.89
CA ILE B 31 50.24 -7.18 3.04
C ILE B 31 51.45 -8.01 3.50
N ALA B 32 51.25 -8.91 4.48
CA ALA B 32 52.31 -9.79 4.95
C ALA B 32 52.85 -10.63 3.80
N LYS B 33 51.96 -11.11 2.93
CA LYS B 33 52.37 -11.91 1.79
C LYS B 33 53.21 -11.07 0.84
N PHE B 34 52.79 -9.82 0.59
CA PHE B 34 53.55 -8.90 -0.25
C PHE B 34 54.91 -8.60 0.38
N GLU B 35 54.95 -8.35 1.70
CA GLU B 35 56.18 -8.02 2.42
C GLU B 35 57.17 -9.16 2.32
N LYS B 36 56.71 -10.40 2.53
CA LYS B 36 57.57 -11.55 2.51
C LYS B 36 58.07 -11.86 1.10
N ASP B 37 57.30 -11.51 0.07
CA ASP B 37 57.65 -11.83 -1.30
C ASP B 37 58.56 -10.75 -1.88
N SER B 38 58.31 -9.49 -1.52
CA SER B 38 59.18 -8.40 -1.92
C SER B 38 60.16 -8.19 -0.77
N GLY B 39 61.14 -7.31 -0.95
CA GLY B 39 62.03 -7.00 0.16
C GLY B 39 61.37 -6.06 1.17
N TYR B 40 60.20 -5.51 0.80
CA TYR B 40 59.82 -4.18 1.28
C TYR B 40 58.95 -4.30 2.52
N THR B 41 58.97 -3.23 3.33
CA THR B 41 58.05 -3.08 4.46
C THR B 41 56.94 -2.13 4.01
N VAL B 42 55.71 -2.34 4.49
CA VAL B 42 54.59 -1.49 4.11
C VAL B 42 54.08 -0.76 5.36
N LYS B 43 54.01 0.57 5.28
CA LYS B 43 53.35 1.36 6.30
C LYS B 43 51.89 1.60 5.87
N VAL B 44 50.96 1.01 6.62
CA VAL B 44 49.56 0.97 6.25
C VAL B 44 48.82 2.01 7.08
N VAL B 45 48.11 2.92 6.40
CA VAL B 45 47.39 3.99 7.05
C VAL B 45 45.97 4.08 6.45
N GLU B 46 44.96 4.18 7.31
CA GLU B 46 43.58 4.36 6.89
C GLU B 46 43.37 5.82 6.47
N SER B 47 42.54 6.04 5.44
CA SER B 47 42.39 7.36 4.84
C SER B 47 41.18 7.40 3.91
N GLU B 48 40.67 8.62 3.63
CA GLU B 48 39.39 8.83 2.97
C GLU B 48 39.57 9.16 1.48
N ASP B 49 38.75 8.50 0.64
CA ASP B 49 38.96 8.40 -0.80
C ASP B 49 38.72 9.75 -1.47
N THR B 62 55.46 13.10 0.13
CA THR B 62 55.03 12.59 1.46
C THR B 62 53.66 11.90 1.36
N ALA B 63 52.97 12.03 0.23
CA ALA B 63 51.78 11.24 -0.04
C ALA B 63 52.15 9.75 -0.04
N ALA B 64 51.12 8.90 -0.02
CA ALA B 64 51.31 7.45 -0.06
C ALA B 64 51.84 7.01 -1.42
N ASP B 65 52.62 5.92 -1.43
CA ASP B 65 53.06 5.31 -2.67
C ASP B 65 51.86 4.68 -3.41
N VAL B 66 50.97 4.06 -2.63
CA VAL B 66 49.79 3.36 -3.16
C VAL B 66 48.58 3.80 -2.35
N PHE B 67 47.45 4.05 -3.02
CA PHE B 67 46.26 4.51 -2.32
C PHE B 67 44.97 4.12 -3.06
N SER B 68 43.88 3.97 -2.28
CA SER B 68 42.56 3.69 -2.83
C SER B 68 41.90 4.99 -3.28
N LEU B 69 41.08 4.90 -4.31
CA LEU B 69 40.27 6.03 -4.76
C LEU B 69 39.05 5.53 -5.50
N PRO B 70 37.99 6.37 -5.64
CA PRO B 70 36.86 6.05 -6.50
C PRO B 70 37.24 6.48 -7.92
N HIS B 71 36.87 5.68 -8.91
CA HIS B 71 37.31 5.92 -10.27
C HIS B 71 36.83 7.29 -10.77
N ASP B 72 35.77 7.84 -10.18
CA ASP B 72 35.21 9.10 -10.67
C ASP B 72 36.20 10.25 -10.50
N GLN B 73 37.24 10.07 -9.67
CA GLN B 73 38.25 11.10 -9.45
C GLN B 73 39.53 10.85 -10.25
N LEU B 74 39.61 9.73 -10.98
CA LEU B 74 40.83 9.30 -11.64
C LEU B 74 41.25 10.31 -12.70
N GLY B 75 40.30 10.83 -13.48
CA GLY B 75 40.61 11.77 -14.55
C GLY B 75 41.33 13.01 -14.02
N GLN B 76 40.88 13.50 -12.85
CA GLN B 76 41.50 14.67 -12.24
C GLN B 76 42.93 14.36 -11.81
N LEU B 77 43.14 13.19 -11.19
CA LEU B 77 44.44 12.82 -10.66
C LEU B 77 45.42 12.54 -11.80
N VAL B 78 44.93 12.07 -12.94
CA VAL B 78 45.78 11.86 -14.10
C VAL B 78 46.24 13.21 -14.61
N GLU B 79 45.27 14.13 -14.74
CA GLU B 79 45.52 15.34 -15.51
C GLU B 79 46.34 16.34 -14.68
N SER B 80 46.40 16.15 -13.36
CA SER B 80 47.29 16.91 -12.51
C SER B 80 48.66 16.24 -12.40
N GLY B 81 48.88 15.16 -13.14
CA GLY B 81 50.19 14.52 -13.22
C GLY B 81 50.49 13.67 -11.99
N THR B 82 49.49 13.38 -11.17
CA THR B 82 49.70 12.67 -9.91
C THR B 82 49.79 11.17 -10.17
N ILE B 83 49.00 10.67 -11.13
CA ILE B 83 48.98 9.24 -11.44
C ILE B 83 49.42 9.04 -12.88
N GLN B 84 50.36 8.12 -13.09
CA GLN B 84 50.96 7.90 -14.38
C GLN B 84 50.47 6.54 -14.88
N GLU B 85 50.53 6.36 -16.20
CA GLU B 85 50.14 5.12 -16.85
C GLU B 85 50.85 3.95 -16.20
N VAL B 86 50.12 2.86 -15.92
CA VAL B 86 50.74 1.70 -15.33
C VAL B 86 51.68 1.05 -16.34
N PRO B 87 52.69 0.28 -15.89
CA PRO B 87 53.50 -0.55 -16.79
C PRO B 87 52.63 -1.53 -17.59
N GLU B 88 53.07 -1.86 -18.80
CA GLU B 88 52.36 -2.74 -19.71
C GLU B 88 52.06 -4.11 -19.09
N LYS B 89 52.98 -4.63 -18.26
CA LYS B 89 52.78 -5.88 -17.53
C LYS B 89 51.43 -5.86 -16.81
N TYR B 90 51.18 -4.79 -16.06
CA TYR B 90 49.98 -4.68 -15.23
C TYR B 90 48.77 -4.33 -16.10
N ASN B 91 48.96 -3.53 -17.15
CA ASN B 91 47.90 -3.29 -18.09
C ASN B 91 47.30 -4.62 -18.56
N LYS B 92 48.14 -5.58 -18.94
CA LYS B 92 47.65 -6.84 -19.46
C LYS B 92 46.90 -7.62 -18.38
N GLU B 93 47.42 -7.61 -17.14
CA GLU B 93 46.85 -8.41 -16.06
C GLU B 93 45.49 -7.84 -15.67
N ILE B 94 45.39 -6.50 -15.62
CA ILE B 94 44.17 -5.82 -15.24
C ILE B 94 43.09 -6.11 -16.29
N ALA B 95 43.44 -5.97 -17.58
CA ALA B 95 42.46 -6.19 -18.64
C ALA B 95 42.00 -7.65 -18.63
N ALA B 96 42.93 -8.59 -18.44
CA ALA B 96 42.58 -10.00 -18.43
C ALA B 96 41.68 -10.37 -17.25
N THR B 97 41.91 -9.79 -16.05
CA THR B 97 41.28 -10.31 -14.84
C THR B 97 40.02 -9.51 -14.51
N SER B 98 39.95 -8.23 -14.91
CA SER B 98 38.84 -7.36 -14.55
C SER B 98 37.69 -7.46 -15.55
N THR B 99 36.49 -7.09 -15.12
CA THR B 99 35.38 -6.93 -16.04
C THR B 99 35.73 -5.77 -16.99
N ASP B 100 35.06 -5.74 -18.14
CA ASP B 100 35.18 -4.67 -19.10
C ASP B 100 34.79 -3.33 -18.48
N GLN B 101 33.72 -3.34 -17.68
CA GLN B 101 33.21 -2.11 -17.06
C GLN B 101 34.24 -1.59 -16.06
N ALA B 102 34.84 -2.49 -15.28
CA ALA B 102 35.83 -2.12 -14.29
C ALA B 102 37.05 -1.49 -14.97
N LEU B 103 37.46 -2.08 -16.11
CA LEU B 103 38.58 -1.57 -16.86
C LEU B 103 38.32 -0.15 -17.33
N ILE B 104 37.11 0.11 -17.84
CA ILE B 104 36.74 1.45 -18.28
C ILE B 104 36.90 2.41 -17.08
N GLY B 105 36.59 1.91 -15.87
CA GLY B 105 36.78 2.69 -14.66
C GLY B 105 38.24 3.07 -14.45
N ALA B 106 39.15 2.15 -14.77
CA ALA B 106 40.57 2.31 -14.51
C ALA B 106 41.27 3.04 -15.66
N GLN B 107 40.55 3.36 -16.73
CA GLN B 107 41.15 3.96 -17.90
C GLN B 107 40.70 5.41 -18.06
N TYR B 108 41.56 6.19 -18.71
CA TYR B 108 41.29 7.56 -19.07
C TYR B 108 41.96 7.84 -20.42
N LYS B 109 41.15 8.27 -21.39
CA LYS B 109 41.59 8.49 -22.75
C LYS B 109 42.42 7.32 -23.27
N GLY B 110 41.96 6.09 -23.01
CA GLY B 110 42.50 4.91 -23.66
C GLY B 110 43.68 4.28 -22.92
N LYS B 111 44.14 4.89 -21.82
CA LYS B 111 45.28 4.39 -21.07
C LYS B 111 44.86 3.94 -19.67
N THR B 112 45.52 2.92 -19.14
CA THR B 112 45.20 2.34 -17.84
C THR B 112 46.08 2.98 -16.78
N TYR B 113 45.46 3.52 -15.72
CA TYR B 113 46.15 4.26 -14.67
C TYR B 113 45.96 3.66 -13.28
N ALA B 114 45.16 2.60 -13.14
CA ALA B 114 44.81 2.10 -11.83
C ALA B 114 44.36 0.65 -11.89
N PHE B 115 44.24 0.04 -10.69
CA PHE B 115 43.93 -1.35 -10.49
C PHE B 115 42.55 -1.49 -9.87
N PRO B 116 41.51 -1.97 -10.59
CA PRO B 116 40.19 -2.15 -10.00
C PRO B 116 40.24 -3.18 -8.88
N PHE B 117 39.51 -2.93 -7.79
CA PHE B 117 39.34 -3.94 -6.75
C PHE B 117 37.87 -4.16 -6.41
N GLY B 118 36.97 -3.30 -6.87
CA GLY B 118 35.59 -3.39 -6.42
C GLY B 118 34.64 -2.61 -7.31
N ILE B 119 33.35 -2.97 -7.22
CA ILE B 119 32.31 -2.29 -8.00
C ILE B 119 31.10 -2.03 -7.11
N GLU B 120 30.33 -1.01 -7.50
CA GLU B 120 29.08 -0.76 -6.82
C GLU B 120 28.08 -0.12 -7.78
N SER B 121 26.83 -0.57 -7.63
CA SER B 121 25.71 -0.19 -8.47
C SER B 121 24.46 -0.20 -7.59
N GLN B 122 23.50 0.66 -7.93
CA GLN B 122 22.18 0.55 -7.34
C GLN B 122 21.52 -0.71 -7.87
N VAL B 123 20.54 -1.19 -7.08
CA VAL B 123 19.73 -2.36 -7.41
C VAL B 123 18.28 -2.03 -7.11
N LEU B 124 17.38 -2.97 -7.42
CA LEU B 124 15.98 -2.87 -7.04
C LEU B 124 15.75 -3.64 -5.74
N PHE B 125 15.32 -2.94 -4.69
CA PHE B 125 14.87 -3.58 -3.47
C PHE B 125 13.35 -3.71 -3.51
N TYR B 126 12.81 -4.86 -3.10
CA TYR B 126 11.36 -4.99 -3.03
C TYR B 126 10.95 -5.81 -1.82
N ASN B 127 9.68 -5.65 -1.45
CA ASN B 127 9.02 -6.42 -0.42
C ASN B 127 8.33 -7.66 -1.03
N LYS B 128 8.83 -8.83 -0.64
CA LYS B 128 8.36 -10.10 -1.16
C LYS B 128 6.95 -10.42 -0.70
N SER B 129 6.46 -9.75 0.34
CA SER B 129 5.07 -9.92 0.76
C SER B 129 4.14 -9.07 -0.11
N LYS B 130 4.68 -8.20 -0.98
CA LYS B 130 3.88 -7.30 -1.80
C LYS B 130 4.06 -7.57 -3.30
N LEU B 131 5.23 -8.11 -3.68
CA LEU B 131 5.63 -8.38 -5.06
C LEU B 131 6.32 -9.74 -5.15
N ALA B 132 5.90 -10.54 -6.14
CA ALA B 132 6.62 -11.73 -6.57
C ALA B 132 7.78 -11.37 -7.50
N ALA B 133 8.80 -12.22 -7.45
CA ALA B 133 9.99 -12.12 -8.28
C ALA B 133 9.63 -11.94 -9.75
N GLU B 134 8.63 -12.68 -10.22
CA GLU B 134 8.30 -12.63 -11.62
C GLU B 134 7.74 -11.26 -11.98
N ASP B 135 7.31 -10.45 -10.99
CA ASP B 135 6.63 -9.22 -11.30
C ASP B 135 7.54 -8.00 -11.19
N VAL B 136 8.86 -8.20 -10.99
CA VAL B 136 9.73 -7.06 -10.74
C VAL B 136 10.71 -6.85 -11.89
N THR B 137 10.48 -7.53 -13.04
CA THR B 137 11.33 -7.39 -14.22
C THR B 137 10.84 -6.22 -15.08
N SER B 138 9.65 -5.68 -14.81
CA SER B 138 9.10 -4.59 -15.60
C SER B 138 8.55 -3.48 -14.70
N TYR B 139 8.93 -2.23 -15.01
CA TYR B 139 8.46 -1.09 -14.24
C TYR B 139 6.94 -0.96 -14.38
N ASP B 140 6.42 -1.19 -15.59
CA ASP B 140 4.98 -1.12 -15.82
C ASP B 140 4.25 -2.18 -14.99
N THR B 141 4.80 -3.40 -14.89
CA THR B 141 4.20 -4.43 -14.07
C THR B 141 4.28 -4.01 -12.60
N ILE B 142 5.45 -3.54 -12.17
CA ILE B 142 5.61 -3.17 -10.76
C ILE B 142 4.53 -2.16 -10.37
N THR B 143 4.31 -1.11 -11.19
CA THR B 143 3.40 -0.04 -10.81
C THR B 143 1.93 -0.38 -11.16
N THR B 144 1.70 -1.44 -11.95
CA THR B 144 0.33 -1.96 -12.14
C THR B 144 -0.05 -2.81 -10.92
N LYS B 145 0.84 -3.68 -10.46
CA LYS B 145 0.49 -4.61 -9.39
C LYS B 145 0.81 -4.09 -8.00
N ALA B 146 1.79 -3.20 -7.86
CA ALA B 146 2.20 -2.78 -6.53
C ALA B 146 2.62 -1.32 -6.59
N THR B 147 3.65 -0.96 -5.81
CA THR B 147 4.13 0.42 -5.86
C THR B 147 5.64 0.45 -6.03
N PHE B 148 6.09 1.51 -6.69
CA PHE B 148 7.48 1.89 -6.79
C PHE B 148 7.61 3.30 -6.20
N GLY B 149 8.57 3.49 -5.29
CA GLY B 149 8.83 4.80 -4.72
C GLY B 149 10.16 5.37 -5.24
N GLY B 150 10.14 6.69 -5.52
CA GLY B 150 11.32 7.46 -5.90
C GLY B 150 11.26 8.89 -5.38
N THR B 151 12.43 9.54 -5.30
CA THR B 151 12.55 10.93 -4.92
C THR B 151 12.57 11.78 -6.19
N PHE B 152 11.38 12.06 -6.72
CA PHE B 152 11.24 12.78 -7.98
C PHE B 152 10.95 14.27 -7.76
N LYS B 153 10.37 14.62 -6.61
CA LYS B 153 10.07 16.01 -6.32
C LYS B 153 11.37 16.80 -6.21
N GLN B 154 12.34 16.22 -5.51
CA GLN B 154 13.70 16.73 -5.45
C GLN B 154 14.61 15.68 -6.08
N ALA B 155 14.75 15.77 -7.40
CA ALA B 155 15.29 14.68 -8.19
C ALA B 155 16.72 14.39 -7.78
N ASN B 156 17.02 13.09 -7.68
CA ASN B 156 18.36 12.57 -7.48
C ASN B 156 18.90 12.13 -8.84
N SER B 157 19.86 12.90 -9.35
CA SER B 157 20.47 12.70 -10.66
C SER B 157 21.27 11.40 -10.71
N TYR B 158 21.85 10.97 -9.60
CA TYR B 158 22.54 9.70 -9.54
C TYR B 158 21.55 8.56 -9.80
N ALA B 159 20.33 8.73 -9.30
CA ALA B 159 19.27 7.75 -9.40
C ALA B 159 18.65 7.74 -10.81
N THR B 160 18.18 8.89 -11.31
CA THR B 160 17.39 8.90 -12.53
C THR B 160 18.07 9.61 -13.70
N GLY B 161 19.26 10.20 -13.50
CA GLY B 161 20.07 10.70 -14.59
C GLY B 161 20.27 9.64 -15.68
N PRO B 162 20.60 8.37 -15.32
CA PRO B 162 20.77 7.30 -16.29
C PRO B 162 19.59 6.89 -17.16
N LEU B 163 18.40 7.43 -16.88
CA LEU B 163 17.24 7.19 -17.74
C LEU B 163 17.55 7.70 -19.14
N PHE B 164 18.29 8.82 -19.22
CA PHE B 164 18.59 9.43 -20.51
C PHE B 164 19.48 8.51 -21.34
N MET B 165 20.36 7.75 -20.67
CA MET B 165 21.25 6.83 -21.34
C MET B 165 20.52 5.50 -21.60
N SER B 166 19.46 5.22 -20.82
CA SER B 166 18.63 4.04 -20.97
C SER B 166 17.91 4.03 -22.31
N VAL B 167 17.51 5.20 -22.81
CA VAL B 167 16.85 5.34 -24.10
C VAL B 167 17.86 5.56 -25.22
N GLY B 168 19.17 5.46 -24.99
CA GLY B 168 20.13 5.43 -26.08
C GLY B 168 20.84 6.76 -26.32
N ASN B 169 20.58 7.76 -25.48
CA ASN B 169 21.38 8.98 -25.47
C ASN B 169 22.64 8.72 -24.65
N THR B 170 23.60 9.66 -24.69
CA THR B 170 24.86 9.51 -23.98
C THR B 170 25.08 10.64 -22.98
N LEU B 171 25.98 10.37 -22.02
CA LEU B 171 26.58 11.39 -21.17
C LEU B 171 28.06 11.50 -21.55
N PHE B 172 28.39 12.58 -22.28
CA PHE B 172 29.70 12.82 -22.84
C PHE B 172 30.12 11.72 -23.82
N GLY B 173 29.21 11.34 -24.73
CA GLY B 173 29.51 10.37 -25.76
C GLY B 173 29.61 8.95 -25.21
N GLU B 174 29.63 7.96 -26.12
CA GLU B 174 29.60 6.55 -25.79
C GLU B 174 30.72 6.17 -24.83
N ASN B 175 31.84 6.87 -24.87
CA ASN B 175 32.98 6.55 -24.00
C ASN B 175 33.04 7.45 -22.76
N GLY B 176 32.15 8.46 -22.67
CA GLY B 176 32.07 9.30 -21.47
C GLY B 176 33.26 10.27 -21.36
N GLU B 177 33.92 10.53 -22.48
CA GLU B 177 35.12 11.35 -22.47
C GLU B 177 35.02 12.50 -23.47
N ASP B 178 33.92 12.60 -24.21
CA ASP B 178 33.76 13.69 -25.15
C ASP B 178 32.99 14.82 -24.47
N VAL B 179 33.66 15.94 -24.21
CA VAL B 179 33.09 17.06 -23.47
C VAL B 179 31.86 17.60 -24.22
N LYS B 180 31.77 17.36 -25.54
CA LYS B 180 30.69 17.88 -26.38
C LYS B 180 29.72 16.77 -26.80
N GLY B 181 29.81 15.59 -26.17
CA GLY B 181 29.07 14.43 -26.66
C GLY B 181 27.69 14.26 -26.01
N THR B 182 27.41 14.92 -24.88
CA THR B 182 26.11 14.77 -24.25
C THR B 182 25.02 15.25 -25.23
N ASN B 183 23.99 14.42 -25.43
CA ASN B 183 22.99 14.63 -26.47
C ASN B 183 21.60 14.24 -25.95
N TRP B 184 21.08 15.02 -24.97
CA TRP B 184 19.75 14.78 -24.43
C TRP B 184 18.68 15.57 -25.16
N GLY B 185 19.07 16.63 -25.86
CA GLY B 185 18.12 17.54 -26.48
C GLY B 185 17.49 16.94 -27.72
N ASN B 186 16.77 15.83 -27.59
CA ASN B 186 16.12 15.22 -28.73
C ASN B 186 14.83 14.59 -28.21
N GLU B 187 14.05 13.97 -29.11
CA GLU B 187 12.75 13.45 -28.75
C GLU B 187 12.85 12.30 -27.75
N LYS B 188 13.93 11.54 -27.77
CA LYS B 188 14.12 10.48 -26.77
C LYS B 188 14.34 11.06 -25.38
N GLY B 189 15.12 12.14 -25.26
CA GLY B 189 15.30 12.83 -24.00
C GLY B 189 13.96 13.40 -23.52
N ALA B 190 13.22 14.04 -24.44
CA ALA B 190 11.92 14.59 -24.13
C ALA B 190 11.00 13.51 -23.57
N ALA B 191 11.09 12.30 -24.13
CA ALA B 191 10.24 11.20 -23.70
C ALA B 191 10.60 10.79 -22.27
N VAL B 192 11.85 10.95 -21.87
CA VAL B 192 12.24 10.70 -20.49
C VAL B 192 11.53 11.70 -19.57
N LEU B 193 11.51 12.98 -19.94
CA LEU B 193 10.83 14.01 -19.15
C LEU B 193 9.34 13.72 -19.07
N LYS B 194 8.75 13.26 -20.18
CA LYS B 194 7.36 12.87 -20.23
C LYS B 194 7.06 11.73 -19.25
N TRP B 195 7.87 10.68 -19.26
CA TRP B 195 7.74 9.58 -18.33
C TRP B 195 7.86 10.07 -16.88
N ILE B 196 8.81 10.96 -16.61
CA ILE B 196 8.95 11.52 -15.27
C ILE B 196 7.64 12.18 -14.87
N ALA B 197 7.11 13.05 -15.73
CA ALA B 197 5.89 13.78 -15.43
C ALA B 197 4.70 12.83 -15.25
N ASP B 198 4.63 11.78 -16.08
CA ASP B 198 3.56 10.80 -16.02
C ASP B 198 3.53 10.10 -14.66
N GLN B 199 4.69 9.96 -13.98
CA GLN B 199 4.69 9.20 -12.74
C GLN B 199 3.81 9.87 -11.67
N ALA B 200 3.62 11.19 -11.74
CA ALA B 200 2.76 11.89 -10.80
C ALA B 200 1.33 11.36 -10.85
N SER B 201 0.85 10.92 -12.01
CA SER B 201 -0.50 10.39 -12.07
C SER B 201 -0.52 8.87 -12.24
N ASN B 202 0.64 8.18 -12.16
CA ASN B 202 0.69 6.72 -12.12
C ASN B 202 0.34 6.26 -10.70
N LYS B 203 -0.75 5.49 -10.56
CA LYS B 203 -1.27 5.16 -9.23
C LYS B 203 -0.32 4.21 -8.48
N GLY B 204 0.59 3.55 -9.20
CA GLY B 204 1.57 2.68 -8.59
C GLY B 204 2.90 3.38 -8.29
N PHE B 205 3.00 4.69 -8.57
CA PHE B 205 4.17 5.44 -8.20
C PHE B 205 3.90 6.23 -6.93
N VAL B 206 4.89 6.19 -6.02
CA VAL B 206 4.79 6.87 -4.74
C VAL B 206 5.92 7.90 -4.64
N SER B 207 5.51 9.16 -4.49
CA SER B 207 6.42 10.30 -4.43
C SER B 207 7.09 10.36 -3.07
N LEU B 208 8.42 10.17 -3.00
CA LEU B 208 9.17 10.10 -1.76
C LEU B 208 10.02 11.36 -1.57
N ASP B 209 10.40 11.59 -0.31
CA ASP B 209 11.52 12.47 0.02
C ASP B 209 12.71 11.61 0.42
N ALA B 210 13.89 12.23 0.42
CA ALA B 210 15.11 11.55 0.82
C ALA B 210 14.95 10.96 2.23
N ASN B 211 14.25 11.66 3.12
CA ASN B 211 14.16 11.28 4.52
C ASN B 211 13.19 10.11 4.78
N ASN B 212 12.35 9.72 3.81
CA ASN B 212 11.28 8.77 4.13
C ASN B 212 11.27 7.54 3.22
N VAL B 213 12.39 7.25 2.54
CA VAL B 213 12.39 6.13 1.62
C VAL B 213 12.21 4.87 2.45
N ILE B 214 13.05 4.73 3.47
CA ILE B 214 13.13 3.51 4.25
C ILE B 214 11.87 3.34 5.07
N SER B 215 11.35 4.45 5.65
CA SER B 215 10.23 4.34 6.56
C SER B 215 8.95 3.99 5.78
N LYS B 216 8.80 4.54 4.57
CA LYS B 216 7.66 4.19 3.74
C LYS B 216 7.80 2.76 3.18
N PHE B 217 9.02 2.26 3.01
CA PHE B 217 9.21 0.86 2.70
C PHE B 217 8.76 0.02 3.91
N GLY B 218 9.19 0.43 5.11
CA GLY B 218 8.85 -0.27 6.33
C GLY B 218 7.35 -0.29 6.61
N ASP B 219 6.62 0.79 6.29
CA ASP B 219 5.22 0.86 6.64
C ASP B 219 4.37 0.21 5.54
N GLY B 220 4.99 -0.24 4.45
CA GLY B 220 4.24 -1.00 3.44
C GLY B 220 3.59 -0.14 2.36
N SER B 221 3.79 1.19 2.38
CA SER B 221 3.23 2.07 1.36
C SER B 221 4.09 2.06 0.10
N VAL B 222 5.33 1.59 0.21
CA VAL B 222 6.22 1.47 -0.94
C VAL B 222 6.68 0.02 -1.04
N ALA B 223 6.37 -0.63 -2.17
CA ALA B 223 6.65 -2.05 -2.34
C ALA B 223 8.07 -2.27 -2.83
N SER B 224 8.61 -1.25 -3.50
CA SER B 224 9.86 -1.37 -4.24
C SER B 224 10.48 0.01 -4.39
N PHE B 225 11.81 0.02 -4.46
CA PHE B 225 12.57 1.25 -4.65
C PHE B 225 13.98 0.83 -5.05
N GLU B 226 14.72 1.79 -5.59
CA GLU B 226 16.08 1.60 -6.08
C GLU B 226 17.05 2.34 -5.16
N SER B 227 18.07 1.61 -4.71
CA SER B 227 19.16 2.16 -3.94
C SER B 227 20.36 1.21 -4.00
N GLY B 228 21.44 1.62 -3.31
CA GLY B 228 22.70 0.91 -3.38
C GLY B 228 22.87 -0.02 -2.18
N PRO B 229 23.97 -0.82 -2.17
CA PRO B 229 24.29 -1.71 -1.07
C PRO B 229 24.31 -1.03 0.29
N TRP B 230 24.56 0.28 0.31
CA TRP B 230 24.62 1.04 1.54
C TRP B 230 23.28 1.05 2.29
N ASP B 231 22.15 0.78 1.59
CA ASP B 231 20.84 0.79 2.22
C ASP B 231 20.32 -0.63 2.47
N TYR B 232 21.14 -1.67 2.22
CA TYR B 232 20.68 -3.03 2.29
C TYR B 232 20.25 -3.36 3.72
N GLU B 233 21.09 -3.01 4.71
CA GLU B 233 20.79 -3.34 6.09
C GLU B 233 19.53 -2.60 6.55
N ALA B 234 19.42 -1.30 6.26
CA ALA B 234 18.21 -0.55 6.63
C ALA B 234 16.95 -1.14 5.98
N ALA B 235 17.03 -1.60 4.72
CA ALA B 235 15.87 -2.18 4.05
C ALA B 235 15.46 -3.48 4.75
N GLN B 236 16.44 -4.34 4.99
CA GLN B 236 16.28 -5.56 5.77
C GLN B 236 15.57 -5.31 7.10
N LYS B 237 15.98 -4.26 7.81
CA LYS B 237 15.41 -4.02 9.13
C LYS B 237 14.04 -3.39 8.99
N ALA B 238 13.80 -2.64 7.93
CA ALA B 238 12.52 -1.98 7.73
C ALA B 238 11.39 -3.02 7.60
N ILE B 239 11.61 -4.14 6.89
CA ILE B 239 10.54 -5.09 6.63
C ILE B 239 10.88 -6.51 7.11
N GLY B 240 12.12 -6.76 7.54
CA GLY B 240 12.52 -8.09 7.99
C GLY B 240 13.31 -8.82 6.91
N LYS B 241 14.37 -9.50 7.33
CA LYS B 241 15.33 -10.15 6.46
C LYS B 241 14.62 -11.00 5.40
N GLU B 242 13.66 -11.79 5.86
CA GLU B 242 13.06 -12.84 5.05
C GLU B 242 12.17 -12.23 3.96
N ASN B 243 11.80 -10.96 4.10
CA ASN B 243 10.84 -10.32 3.20
C ASN B 243 11.54 -9.48 2.14
N LEU B 244 12.85 -9.25 2.33
CA LEU B 244 13.62 -8.40 1.42
C LEU B 244 14.01 -9.18 0.18
N GLY B 245 13.60 -8.65 -0.97
CA GLY B 245 14.04 -9.17 -2.26
C GLY B 245 15.00 -8.18 -2.90
N VAL B 246 15.93 -8.72 -3.69
CA VAL B 246 16.91 -7.93 -4.40
C VAL B 246 16.90 -8.37 -5.86
N ALA B 247 16.79 -7.41 -6.76
CA ALA B 247 16.81 -7.72 -8.18
C ALA B 247 17.58 -6.65 -8.93
N ILE B 248 17.95 -7.00 -10.17
CA ILE B 248 18.50 -6.04 -11.10
C ILE B 248 17.44 -4.99 -11.40
N TYR B 249 17.87 -3.86 -11.94
CA TYR B 249 16.95 -2.86 -12.43
C TYR B 249 16.01 -3.51 -13.43
N PRO B 250 14.72 -3.09 -13.43
CA PRO B 250 13.73 -3.63 -14.37
C PRO B 250 13.91 -2.98 -15.72
N LYS B 251 13.12 -3.46 -16.70
CA LYS B 251 12.84 -2.73 -17.91
C LYS B 251 11.87 -1.61 -17.59
N VAL B 252 11.87 -0.57 -18.43
CA VAL B 252 10.96 0.55 -18.30
C VAL B 252 10.52 0.95 -19.70
N THR B 253 9.28 1.41 -19.82
CA THR B 253 8.73 1.77 -21.10
C THR B 253 8.67 3.30 -21.17
N ILE B 254 9.50 3.86 -22.06
CA ILE B 254 9.63 5.30 -22.23
C ILE B 254 9.47 5.62 -23.71
N GLY B 255 8.59 6.58 -24.03
CA GLY B 255 8.39 6.99 -25.41
C GLY B 255 7.92 5.82 -26.27
N GLY B 256 7.11 4.96 -25.69
CA GLY B 256 6.56 3.81 -26.36
C GLY B 256 7.56 2.67 -26.53
N GLU B 257 8.77 2.74 -25.97
CA GLU B 257 9.75 1.70 -26.19
C GLU B 257 10.14 1.08 -24.85
N THR B 258 10.26 -0.24 -24.81
CA THR B 258 10.65 -0.92 -23.60
C THR B 258 12.17 -1.11 -23.63
N VAL B 259 12.87 -0.51 -22.65
CA VAL B 259 14.32 -0.52 -22.61
C VAL B 259 14.77 -0.97 -21.22
N GLN B 260 15.98 -1.50 -21.12
CA GLN B 260 16.61 -1.77 -19.84
C GLN B 260 16.85 -0.44 -19.11
N GLN B 261 16.39 -0.36 -17.86
CA GLN B 261 16.71 0.79 -17.02
C GLN B 261 18.16 0.63 -16.58
N LYS B 262 18.98 1.67 -16.84
CA LYS B 262 20.37 1.67 -16.43
C LYS B 262 20.60 2.42 -15.10
N ALA B 263 21.69 2.04 -14.41
CA ALA B 263 22.27 2.82 -13.33
C ALA B 263 23.71 3.20 -13.64
N PHE B 264 24.28 4.06 -12.80
CA PHE B 264 25.69 4.37 -12.85
C PHE B 264 26.46 3.22 -12.20
N LEU B 265 27.67 2.94 -12.71
CA LEU B 265 28.60 2.05 -12.05
C LEU B 265 29.70 2.88 -11.39
N GLY B 266 30.06 2.50 -10.18
CA GLY B 266 31.25 3.00 -9.50
C GLY B 266 32.30 1.88 -9.43
N VAL B 267 33.55 2.22 -9.77
CA VAL B 267 34.66 1.29 -9.69
C VAL B 267 35.63 1.78 -8.63
N LYS B 268 36.00 0.89 -7.70
CA LYS B 268 36.97 1.17 -6.67
C LYS B 268 38.36 0.75 -7.16
N LEU B 269 39.34 1.63 -6.95
CA LEU B 269 40.67 1.52 -7.52
C LEU B 269 41.75 1.61 -6.43
N TYR B 270 42.88 0.93 -6.66
CA TYR B 270 44.15 1.35 -6.10
C TYR B 270 44.99 1.93 -7.23
N ALA B 271 45.72 3.01 -6.93
CA ALA B 271 46.66 3.62 -7.88
C ALA B 271 48.02 3.84 -7.22
N VAL B 272 49.05 4.00 -8.07
CA VAL B 272 50.41 4.26 -7.65
C VAL B 272 50.72 5.74 -7.90
N ASN B 273 51.30 6.37 -6.87
CA ASN B 273 51.92 7.69 -6.97
C ASN B 273 53.41 7.48 -6.84
N GLN B 274 54.15 7.67 -7.93
CA GLN B 274 55.56 7.36 -7.90
C GLN B 274 56.38 8.51 -7.31
N ALA B 275 55.78 9.71 -7.15
CA ALA B 275 56.54 10.88 -6.70
C ALA B 275 57.31 10.59 -5.41
N PRO B 276 56.73 9.97 -4.36
CA PRO B 276 57.49 9.71 -3.13
C PRO B 276 58.64 8.70 -3.22
N ALA B 277 58.90 8.16 -4.42
CA ALA B 277 60.02 7.25 -4.60
C ALA B 277 61.24 7.98 -5.18
N LYS B 278 61.04 9.20 -5.68
CA LYS B 278 62.13 10.09 -6.06
C LYS B 278 63.09 9.45 -7.07
N GLY B 279 62.55 8.65 -8.01
CA GLY B 279 63.32 8.06 -9.08
C GLY B 279 63.82 6.65 -8.77
N ASP B 280 63.59 6.17 -7.55
CA ASP B 280 64.00 4.84 -7.13
C ASP B 280 63.07 3.83 -7.81
N THR B 281 63.56 3.23 -8.91
CA THR B 281 62.74 2.41 -9.79
C THR B 281 62.45 1.05 -9.15
N LYS B 282 63.32 0.59 -8.25
CA LYS B 282 63.09 -0.66 -7.52
C LYS B 282 61.82 -0.51 -6.67
N ARG B 283 61.68 0.67 -6.05
CA ARG B 283 60.59 0.98 -5.15
C ARG B 283 59.30 1.26 -5.92
N ILE B 284 59.42 1.93 -7.06
CA ILE B 284 58.28 2.12 -7.95
C ILE B 284 57.74 0.75 -8.36
N ALA B 285 58.63 -0.16 -8.79
CA ALA B 285 58.22 -1.49 -9.20
C ALA B 285 57.52 -2.21 -8.03
N ALA B 286 58.05 -2.01 -6.82
CA ALA B 286 57.46 -2.60 -5.62
C ALA B 286 56.06 -2.05 -5.36
N SER B 287 55.84 -0.77 -5.70
CA SER B 287 54.56 -0.11 -5.50
C SER B 287 53.50 -0.72 -6.41
N TYR B 288 53.82 -0.91 -7.70
CA TYR B 288 52.93 -1.59 -8.62
C TYR B 288 52.66 -3.02 -8.15
N LYS B 289 53.69 -3.70 -7.68
CA LYS B 289 53.52 -5.04 -7.17
C LYS B 289 52.55 -5.05 -5.98
N LEU B 290 52.64 -4.05 -5.07
CA LEU B 290 51.72 -3.97 -3.95
C LEU B 290 50.27 -3.80 -4.45
N ALA B 291 50.05 -2.85 -5.38
CA ALA B 291 48.74 -2.61 -5.96
C ALA B 291 48.19 -3.89 -6.58
N SER B 292 49.04 -4.62 -7.31
CA SER B 292 48.68 -5.90 -7.89
C SER B 292 48.24 -6.87 -6.81
N TYR B 293 49.03 -6.95 -5.71
CA TYR B 293 48.70 -7.87 -4.64
C TYR B 293 47.37 -7.53 -4.00
N LEU B 294 47.09 -6.22 -3.83
CA LEU B 294 45.92 -5.75 -3.10
C LEU B 294 44.65 -6.10 -3.86
N THR B 295 44.80 -6.30 -5.17
CA THR B 295 43.66 -6.40 -6.07
C THR B 295 43.67 -7.72 -6.86
N ASN B 296 44.46 -8.72 -6.44
CA ASN B 296 44.43 -10.00 -7.14
C ASN B 296 43.25 -10.84 -6.65
N ALA B 297 43.05 -12.00 -7.30
CA ALA B 297 41.91 -12.86 -7.02
C ALA B 297 41.82 -13.18 -5.53
N GLU B 298 42.97 -13.55 -4.95
CA GLU B 298 43.03 -14.02 -3.57
C GLU B 298 42.57 -12.93 -2.60
N SER B 299 43.09 -11.72 -2.79
CA SER B 299 42.75 -10.56 -1.97
C SER B 299 41.28 -10.17 -2.15
N GLN B 300 40.79 -10.15 -3.40
CA GLN B 300 39.39 -9.81 -3.66
C GLN B 300 38.45 -10.84 -3.03
N GLU B 301 38.82 -12.12 -3.07
CA GLU B 301 38.06 -13.17 -2.39
C GLU B 301 38.00 -12.86 -0.89
N ASN B 302 39.15 -12.56 -0.31
CA ASN B 302 39.27 -12.21 1.10
C ASN B 302 38.51 -10.92 1.41
N GLN B 303 38.54 -9.93 0.50
CA GLN B 303 37.86 -8.66 0.73
C GLN B 303 36.33 -8.80 0.66
N PHE B 304 35.84 -9.70 -0.20
CA PHE B 304 34.41 -9.98 -0.23
C PHE B 304 34.02 -10.66 1.09
N LYS B 305 34.79 -11.67 1.49
CA LYS B 305 34.47 -12.44 2.69
C LYS B 305 34.53 -11.56 3.95
N THR B 306 35.52 -10.67 4.08
CA THR B 306 35.70 -9.93 5.33
C THR B 306 34.90 -8.64 5.34
N ARG B 307 34.79 -7.95 4.21
CA ARG B 307 34.16 -6.62 4.20
C ARG B 307 33.08 -6.50 3.12
N ASN B 308 32.65 -7.62 2.53
CA ASN B 308 31.58 -7.61 1.54
C ASN B 308 31.85 -6.63 0.40
N ILE B 309 33.11 -6.53 -0.01
CA ILE B 309 33.44 -5.76 -1.20
C ILE B 309 33.07 -6.60 -2.41
N VAL B 310 32.26 -6.03 -3.30
CA VAL B 310 31.84 -6.75 -4.48
C VAL B 310 32.99 -6.69 -5.46
N PRO B 311 33.56 -7.84 -5.86
CA PRO B 311 34.78 -7.87 -6.66
C PRO B 311 34.65 -7.36 -8.09
N ALA B 312 35.75 -6.77 -8.58
CA ALA B 312 35.94 -6.43 -9.99
C ALA B 312 36.55 -7.60 -10.76
N ASN B 313 37.14 -8.56 -10.04
CA ASN B 313 37.81 -9.69 -10.65
C ASN B 313 36.76 -10.72 -11.10
N LYS B 314 36.81 -11.07 -12.39
CA LYS B 314 35.79 -11.93 -12.98
C LYS B 314 35.75 -13.29 -12.32
N GLU B 315 36.92 -13.86 -12.00
CA GLU B 315 37.02 -15.19 -11.41
C GLU B 315 36.37 -15.23 -10.03
N VAL B 316 36.61 -14.20 -9.22
CA VAL B 316 36.03 -14.16 -7.88
C VAL B 316 34.53 -13.89 -7.98
N GLN B 317 34.15 -13.02 -8.93
CA GLN B 317 32.74 -12.73 -9.20
C GLN B 317 31.93 -14.00 -9.40
N SER B 318 32.50 -15.02 -10.05
CA SER B 318 31.76 -16.24 -10.35
C SER B 318 31.98 -17.32 -9.28
N SER B 319 32.73 -17.04 -8.21
CA SER B 319 32.91 -18.00 -7.12
C SER B 319 31.56 -18.26 -6.45
N GLU B 320 31.43 -19.46 -5.88
CA GLU B 320 30.23 -19.87 -5.17
C GLU B 320 29.88 -18.90 -4.05
N ALA B 321 30.87 -18.47 -3.25
CA ALA B 321 30.64 -17.55 -2.15
C ALA B 321 29.94 -16.29 -2.64
N VAL B 322 30.43 -15.73 -3.74
CA VAL B 322 29.92 -14.47 -4.24
C VAL B 322 28.56 -14.70 -4.94
N GLN B 323 28.48 -15.76 -5.77
CA GLN B 323 27.28 -16.01 -6.56
C GLN B 323 26.11 -16.42 -5.67
N SER B 324 26.39 -16.93 -4.47
CA SER B 324 25.39 -17.34 -3.50
C SER B 324 24.89 -16.16 -2.68
N ASN B 325 25.50 -14.98 -2.83
CA ASN B 325 25.08 -13.80 -2.10
C ASN B 325 24.23 -12.95 -3.05
N GLU B 326 22.95 -12.79 -2.72
CA GLU B 326 21.97 -12.22 -3.64
C GLU B 326 22.31 -10.76 -3.96
N LEU B 327 22.75 -9.98 -2.99
CA LEU B 327 23.12 -8.59 -3.22
C LEU B 327 24.34 -8.50 -4.15
N ALA B 328 25.40 -9.25 -3.83
CA ALA B 328 26.62 -9.21 -4.61
C ALA B 328 26.36 -9.65 -6.07
N LYS B 329 25.60 -10.74 -6.21
CA LYS B 329 25.30 -11.30 -7.53
C LYS B 329 24.55 -10.28 -8.37
N THR B 330 23.65 -9.53 -7.73
CA THR B 330 22.84 -8.52 -8.39
C THR B 330 23.72 -7.36 -8.86
N VAL B 331 24.59 -6.87 -7.97
CA VAL B 331 25.48 -5.77 -8.33
C VAL B 331 26.35 -6.21 -9.50
N ILE B 332 26.78 -7.47 -9.49
CA ILE B 332 27.64 -7.99 -10.52
C ILE B 332 26.90 -8.02 -11.86
N THR B 333 25.63 -8.44 -11.87
CA THR B 333 24.86 -8.43 -13.10
C THR B 333 24.79 -7.00 -13.61
N MET B 334 24.51 -6.05 -12.72
CA MET B 334 24.42 -4.67 -13.15
C MET B 334 25.75 -4.20 -13.74
N GLY B 335 26.87 -4.60 -13.15
CA GLY B 335 28.16 -4.19 -13.67
C GLY B 335 28.65 -5.02 -14.87
N SER B 336 27.93 -6.09 -15.23
CA SER B 336 28.41 -7.07 -16.18
C SER B 336 28.44 -6.53 -17.61
N SER B 337 27.72 -5.44 -17.86
CA SER B 337 27.48 -5.00 -19.22
C SER B 337 27.01 -3.55 -19.23
N SER B 338 27.38 -2.83 -20.30
CA SER B 338 26.89 -1.49 -20.53
C SER B 338 25.40 -1.49 -20.89
N ASP B 339 24.80 -2.67 -21.13
CA ASP B 339 23.36 -2.75 -21.20
C ASP B 339 22.71 -2.32 -19.88
N TYR B 340 23.39 -2.53 -18.74
CA TYR B 340 22.83 -2.23 -17.43
C TYR B 340 23.45 -1.00 -16.76
N THR B 341 24.75 -0.75 -16.96
CA THR B 341 25.40 0.34 -16.25
C THR B 341 26.16 1.26 -17.19
N VAL B 342 26.17 2.53 -16.80
CA VAL B 342 27.03 3.54 -17.38
C VAL B 342 28.14 3.84 -16.38
N VAL B 343 29.40 3.61 -16.78
CA VAL B 343 30.51 3.91 -15.90
C VAL B 343 30.56 5.44 -15.77
N MET B 344 30.48 5.89 -14.52
CA MET B 344 30.37 7.30 -14.22
C MET B 344 31.54 8.02 -14.89
N PRO B 345 31.29 8.97 -15.82
CA PRO B 345 32.35 9.73 -16.46
C PRO B 345 33.26 10.44 -15.47
N LYS B 346 34.47 10.78 -15.94
CA LYS B 346 35.52 11.34 -15.11
C LYS B 346 35.71 12.83 -15.36
N LEU B 347 35.04 13.41 -16.37
CA LEU B 347 35.27 14.79 -16.76
C LEU B 347 34.81 15.72 -15.64
N SER B 348 35.46 16.88 -15.53
CA SER B 348 35.10 17.87 -14.51
C SER B 348 33.72 18.47 -14.81
N GLN B 349 33.26 18.44 -16.07
CA GLN B 349 31.94 18.94 -16.43
C GLN B 349 30.82 18.11 -15.81
N MET B 350 31.14 16.98 -15.16
CA MET B 350 30.17 16.23 -14.38
C MET B 350 29.53 17.13 -13.33
N GLY B 351 30.30 18.08 -12.78
CA GLY B 351 29.77 19.09 -11.87
C GLY B 351 28.43 19.66 -12.35
N THR B 352 28.41 20.12 -13.60
CA THR B 352 27.21 20.73 -14.19
C THR B 352 26.11 19.69 -14.34
N PHE B 353 26.50 18.47 -14.74
CA PHE B 353 25.53 17.40 -14.90
C PHE B 353 24.74 17.20 -13.61
N TRP B 354 25.44 17.12 -12.47
CA TRP B 354 24.78 16.87 -11.20
C TRP B 354 23.73 17.95 -10.91
N THR B 355 24.09 19.22 -11.17
CA THR B 355 23.23 20.36 -10.85
C THR B 355 22.06 20.44 -11.81
N GLU B 356 22.37 20.53 -13.10
CA GLU B 356 21.40 20.85 -14.13
C GLU B 356 20.44 19.69 -14.37
N SER B 357 20.92 18.44 -14.32
CA SER B 357 20.05 17.32 -14.61
C SER B 357 18.98 17.20 -13.51
N ALA B 358 19.41 17.36 -12.25
CA ALA B 358 18.51 17.31 -11.10
C ALA B 358 17.41 18.38 -11.21
N ALA B 359 17.76 19.59 -11.66
CA ALA B 359 16.79 20.68 -11.73
C ALA B 359 15.73 20.39 -12.81
N ILE B 360 16.16 19.90 -13.98
CA ILE B 360 15.26 19.62 -15.08
C ILE B 360 14.36 18.45 -14.71
N LEU B 361 14.92 17.40 -14.13
CA LEU B 361 14.14 16.24 -13.70
C LEU B 361 13.10 16.66 -12.65
N SER B 362 13.50 17.53 -11.72
CA SER B 362 12.57 18.05 -10.71
C SER B 362 11.45 18.84 -11.38
N ASP B 363 11.81 19.77 -12.26
CA ASP B 363 10.84 20.61 -12.93
C ASP B 363 9.85 19.79 -13.76
N ALA B 364 10.32 18.73 -14.43
CA ALA B 364 9.41 17.90 -15.21
C ALA B 364 8.39 17.22 -14.30
N PHE B 365 8.85 16.67 -13.17
CA PHE B 365 7.94 15.98 -12.27
C PHE B 365 6.94 16.95 -11.64
N ASN B 366 7.39 18.14 -11.24
CA ASN B 366 6.56 19.08 -10.51
C ASN B 366 5.70 19.92 -11.46
N GLY B 367 5.89 19.77 -12.77
CA GLY B 367 5.10 20.53 -13.72
C GLY B 367 5.55 21.99 -13.84
N LYS B 368 6.78 22.31 -13.45
CA LYS B 368 7.30 23.66 -13.59
C LYS B 368 7.74 23.88 -15.04
N ILE B 369 7.99 22.78 -15.77
CA ILE B 369 8.07 22.85 -17.22
C ILE B 369 7.03 21.91 -17.81
N LYS B 370 6.51 22.30 -18.97
CA LYS B 370 5.44 21.57 -19.64
C LYS B 370 6.03 20.86 -20.85
N GLU B 371 5.22 20.00 -21.46
CA GLU B 371 5.67 19.14 -22.53
C GLU B 371 6.27 19.96 -23.68
N SER B 372 5.63 21.08 -24.00
CA SER B 372 6.03 21.93 -25.11
C SER B 372 7.34 22.68 -24.83
N ASP B 373 7.94 22.49 -23.65
CA ASP B 373 9.23 23.05 -23.30
C ASP B 373 10.31 21.98 -23.18
N TYR B 374 9.95 20.68 -23.26
CA TYR B 374 10.91 19.62 -22.93
C TYR B 374 12.14 19.71 -23.84
N LEU B 375 11.90 19.85 -25.15
CA LEU B 375 12.99 19.84 -26.12
C LEU B 375 13.92 21.04 -25.90
N THR B 376 13.37 22.26 -25.77
CA THR B 376 14.18 23.47 -25.65
C THR B 376 15.06 23.36 -24.40
N LYS B 377 14.50 22.84 -23.30
CA LYS B 377 15.23 22.77 -22.04
C LYS B 377 16.37 21.77 -22.15
N LEU B 378 16.14 20.65 -22.85
CA LEU B 378 17.17 19.63 -22.99
C LEU B 378 18.27 20.10 -23.95
N GLN B 379 17.90 20.81 -25.02
CA GLN B 379 18.88 21.43 -25.90
C GLN B 379 19.75 22.45 -25.16
N GLN B 380 19.14 23.22 -24.25
CA GLN B 380 19.89 24.15 -23.42
C GLN B 380 20.81 23.38 -22.47
N PHE B 381 20.32 22.28 -21.91
CA PHE B 381 21.14 21.41 -21.07
C PHE B 381 22.37 20.97 -21.83
N ASP B 382 22.18 20.53 -23.09
CA ASP B 382 23.29 20.05 -23.90
C ASP B 382 24.36 21.14 -24.08
N LYS B 383 23.91 22.39 -24.25
CA LYS B 383 24.83 23.52 -24.40
C LYS B 383 25.58 23.79 -23.11
N ASP B 384 24.83 23.90 -22.00
CA ASP B 384 25.37 24.26 -20.71
C ASP B 384 26.49 23.32 -20.30
N ILE B 385 26.24 22.01 -20.44
CA ILE B 385 27.14 21.00 -19.93
C ILE B 385 28.44 20.98 -20.76
N ALA B 386 28.36 21.41 -22.03
CA ALA B 386 29.46 21.27 -22.98
C ALA B 386 30.53 22.35 -22.85
N ALA B 387 30.24 23.49 -22.20
CA ALA B 387 31.19 24.60 -22.19
C ALA B 387 32.47 24.20 -21.43
#